data_4D82
#
_entry.id   4D82
#
_cell.length_a   151.187
_cell.length_b   151.187
_cell.length_c   98.590
_cell.angle_alpha   90.00
_cell.angle_beta   90.00
_cell.angle_gamma   120.00
#
_symmetry.space_group_name_H-M   'P 65'
#
loop_
_entity.id
_entity.type
_entity.pdbx_description
1 polymer 'AAA ATPase, central domain protein'
2 non-polymer "ADENOSINE-5'-DIPHOSPHATE"
3 water water
#
_entity_poly.entity_id   1
_entity_poly.type   'polypeptide(L)'
_entity_poly.pdbx_seq_one_letter_code
;GVPEGGEETEKAEEDIVMKEKPKVTLNEIVGLEDVKEALKEAVVYPSKRPDLFPLGWPRGILLYGPPGCGKTMIAAAVAN
ELDSEFIHVDAASIMSKWLGEAEKNVAKIFKTARELSKKENKPAIIFIDELDALLASYTSEVGGEARVRNQFLKEMDGLA
DKNEISKVYVIGATNKPWRLDEPFLRRFQKRIYITLPDKAHRLELLKHYSSKVKLDPNVNLEELAELTDGYTASDIRDIV
QSAHMRVVKEMFEKNLQEPRAINMDDFREVLKVRKPSVNQDMLKAYAAWHEKFKAL
;
_entity_poly.pdbx_strand_id   A,B,C
#
loop_
_chem_comp.id
_chem_comp.type
_chem_comp.name
_chem_comp.formula
ADP non-polymer ADENOSINE-5'-DIPHOSPHATE 'C10 H15 N5 O10 P2'
#
# COMPACT_ATOMS: atom_id res chain seq x y z
N VAL A 24 17.26 28.30 -23.59
CA VAL A 24 18.14 29.45 -23.29
C VAL A 24 18.94 29.88 -24.55
N THR A 25 19.72 29.09 -25.30
CA THR A 25 20.35 29.65 -26.53
C THR A 25 19.71 29.17 -27.83
N LEU A 26 19.88 29.96 -28.89
CA LEU A 26 19.40 29.60 -30.24
C LEU A 26 20.04 28.30 -30.71
N ASN A 27 21.33 28.16 -30.45
CA ASN A 27 22.12 27.04 -30.95
C ASN A 27 21.70 25.71 -30.34
N GLU A 28 21.03 25.77 -29.18
CA GLU A 28 20.40 24.59 -28.56
C GLU A 28 19.08 24.17 -29.22
N ILE A 29 18.54 24.98 -30.12
CA ILE A 29 17.25 24.68 -30.73
C ILE A 29 17.45 23.98 -32.07
N VAL A 30 16.89 22.79 -32.19
CA VAL A 30 17.25 21.93 -33.30
C VAL A 30 16.92 22.48 -34.67
N GLY A 31 15.67 22.82 -34.93
CA GLY A 31 15.33 23.17 -36.29
C GLY A 31 15.26 24.68 -36.42
N LEU A 32 14.21 25.09 -37.11
CA LEU A 32 13.68 26.43 -36.98
C LEU A 32 14.69 27.50 -37.43
N GLU A 33 15.52 27.13 -38.40
CA GLU A 33 16.52 28.03 -38.93
C GLU A 33 15.85 29.24 -39.56
N ASP A 34 14.73 29.04 -40.24
CA ASP A 34 14.01 30.17 -40.85
C ASP A 34 13.16 30.96 -39.83
N VAL A 35 12.71 30.28 -38.77
CA VAL A 35 11.99 30.95 -37.67
C VAL A 35 12.96 31.90 -36.96
N LYS A 36 14.07 31.33 -36.52
CA LYS A 36 15.19 32.06 -35.92
C LYS A 36 15.50 33.36 -36.70
N GLU A 37 15.59 33.23 -38.02
CA GLU A 37 15.82 34.40 -38.87
C GLU A 37 14.66 35.38 -38.81
N ALA A 38 13.42 34.89 -38.88
CA ALA A 38 12.27 35.79 -38.77
C ALA A 38 12.27 36.54 -37.44
N LEU A 39 12.65 35.88 -36.35
CA LEU A 39 12.66 36.57 -35.06
C LEU A 39 13.82 37.52 -34.91
N LYS A 40 14.98 37.12 -35.44
CA LYS A 40 16.12 38.08 -35.64
C LYS A 40 15.67 39.36 -36.36
N GLU A 41 15.05 39.14 -37.52
CA GLU A 41 14.58 40.23 -38.36
C GLU A 41 13.47 41.05 -37.71
N ALA A 42 12.56 40.43 -36.96
CA ALA A 42 11.42 41.16 -36.32
C ALA A 42 11.83 41.88 -35.03
N VAL A 43 12.80 41.28 -34.33
CA VAL A 43 13.17 41.79 -33.01
C VAL A 43 14.64 42.18 -32.80
N VAL A 44 15.58 41.32 -33.19
CA VAL A 44 16.97 41.59 -32.88
C VAL A 44 17.52 42.75 -33.71
N TYR A 45 17.46 42.64 -35.04
CA TYR A 45 18.05 43.68 -35.89
C TYR A 45 17.47 45.09 -35.66
N PRO A 46 16.14 45.21 -35.44
CA PRO A 46 15.58 46.51 -35.04
C PRO A 46 16.10 47.06 -33.73
N SER A 47 16.21 46.17 -32.73
CA SER A 47 16.72 46.55 -31.41
C SER A 47 18.16 46.98 -31.54
N LYS A 48 18.93 46.25 -32.34
CA LYS A 48 20.32 46.57 -32.46
C LYS A 48 20.54 47.79 -33.34
N ARG A 49 19.69 47.99 -34.34
CA ARG A 49 19.88 49.09 -35.32
C ARG A 49 18.57 49.77 -35.75
N PRO A 50 17.82 50.36 -34.80
CA PRO A 50 16.57 51.10 -35.09
C PRO A 50 16.67 52.09 -36.24
N ASP A 51 17.83 52.77 -36.33
CA ASP A 51 18.10 53.75 -37.38
C ASP A 51 17.92 53.16 -38.76
N LEU A 52 18.10 51.84 -38.90
CA LEU A 52 17.89 51.17 -40.20
C LEU A 52 16.44 50.72 -40.45
N PHE A 53 15.49 51.19 -39.63
CA PHE A 53 14.09 50.79 -39.79
C PHE A 53 13.16 51.98 -39.84
N PRO A 54 13.44 52.92 -40.75
CA PRO A 54 12.73 54.18 -40.84
C PRO A 54 11.30 54.04 -41.29
N LEU A 55 10.88 52.82 -41.64
CA LEU A 55 9.48 52.57 -41.91
C LEU A 55 8.83 51.84 -40.78
N GLY A 56 9.42 51.88 -39.60
CA GLY A 56 8.78 51.21 -38.45
C GLY A 56 8.82 49.68 -38.52
N TRP A 57 8.31 49.04 -37.46
CA TRP A 57 8.27 47.58 -37.36
C TRP A 57 7.30 47.12 -36.26
N PRO A 58 6.68 45.95 -36.44
CA PRO A 58 5.70 45.47 -35.46
C PRO A 58 6.33 44.99 -34.18
N ARG A 59 5.63 45.18 -33.07
CA ARG A 59 6.09 44.75 -31.75
C ARG A 59 5.34 43.53 -31.16
N GLY A 60 4.33 43.04 -31.87
CA GLY A 60 3.60 41.91 -31.40
C GLY A 60 3.84 40.83 -32.40
N ILE A 61 4.44 39.74 -31.95
CA ILE A 61 4.77 38.58 -32.81
C ILE A 61 4.08 37.29 -32.34
N LEU A 62 3.29 36.69 -33.22
CA LEU A 62 2.56 35.47 -32.93
C LEU A 62 3.34 34.28 -33.36
N LEU A 63 3.64 33.42 -32.41
CA LEU A 63 4.07 32.08 -32.72
C LEU A 63 2.89 31.15 -32.61
N TYR A 64 2.60 30.41 -33.67
CA TYR A 64 1.51 29.42 -33.64
C TYR A 64 1.98 28.08 -34.19
N GLY A 65 1.40 27.00 -33.65
CA GLY A 65 1.71 25.63 -34.10
C GLY A 65 1.28 24.57 -33.10
N PRO A 66 1.68 23.32 -33.34
CA PRO A 66 1.33 22.27 -32.37
C PRO A 66 2.22 22.36 -31.17
N PRO A 67 1.87 21.65 -30.09
CA PRO A 67 2.57 21.79 -28.83
C PRO A 67 3.88 21.11 -28.79
N GLY A 68 4.77 21.66 -27.98
CA GLY A 68 6.10 21.11 -27.78
C GLY A 68 6.99 21.12 -29.01
N CYS A 69 6.88 22.15 -29.85
CA CYS A 69 7.74 22.22 -31.00
C CYS A 69 8.72 23.37 -30.95
N GLY A 70 8.68 24.15 -29.87
CA GLY A 70 9.73 25.15 -29.61
C GLY A 70 9.33 26.63 -29.60
N LYS A 71 8.02 26.91 -29.53
CA LYS A 71 7.55 28.26 -29.36
C LYS A 71 8.11 28.91 -28.10
N THR A 72 8.04 28.24 -26.96
CA THR A 72 8.63 28.78 -25.74
C THR A 72 10.15 28.95 -25.87
N MET A 73 10.84 27.91 -26.35
CA MET A 73 12.31 27.89 -26.48
C MET A 73 12.78 29.02 -27.34
N ILE A 74 12.19 29.12 -28.53
CA ILE A 74 12.56 30.13 -29.49
C ILE A 74 12.39 31.53 -28.90
N ALA A 75 11.37 31.75 -28.08
CA ALA A 75 11.15 33.07 -27.49
C ALA A 75 12.23 33.39 -26.47
N ALA A 76 12.53 32.42 -25.60
CA ALA A 76 13.56 32.62 -24.58
C ALA A 76 14.96 32.78 -25.21
N ALA A 77 15.19 31.98 -26.24
CA ALA A 77 16.42 32.03 -27.00
C ALA A 77 16.69 33.40 -27.56
N VAL A 78 15.66 34.10 -28.01
CA VAL A 78 15.85 35.47 -28.51
C VAL A 78 16.19 36.42 -27.36
N ALA A 79 15.42 36.31 -26.29
CA ALA A 79 15.65 37.14 -25.13
C ALA A 79 17.09 36.99 -24.68
N ASN A 80 17.56 35.76 -24.73
CA ASN A 80 18.97 35.48 -24.49
C ASN A 80 19.90 36.11 -25.55
N GLU A 81 19.55 35.98 -26.83
CA GLU A 81 20.34 36.58 -27.90
C GLU A 81 20.51 38.09 -27.70
N LEU A 82 19.46 38.73 -27.22
CA LEU A 82 19.50 40.14 -26.91
C LEU A 82 20.01 40.41 -25.52
N ASP A 83 20.15 39.38 -24.69
CA ASP A 83 20.35 39.61 -23.26
C ASP A 83 19.34 40.64 -22.77
N SER A 84 18.12 40.54 -23.30
CA SER A 84 17.05 41.40 -22.88
C SER A 84 16.32 40.70 -21.74
N GLU A 85 15.55 41.48 -21.00
CA GLU A 85 14.69 40.95 -19.94
C GLU A 85 13.56 40.10 -20.53
N PHE A 86 13.26 39.00 -19.86
CA PHE A 86 12.25 38.04 -20.35
C PHE A 86 11.14 37.80 -19.33
N ILE A 87 9.91 38.00 -19.74
CA ILE A 87 8.76 38.00 -18.84
C ILE A 87 7.70 37.00 -19.28
N HIS A 88 7.67 35.86 -18.59
CA HIS A 88 6.82 34.76 -19.00
C HIS A 88 5.49 34.84 -18.33
N VAL A 89 4.44 34.95 -19.13
CA VAL A 89 3.07 34.90 -18.64
C VAL A 89 2.24 33.82 -19.33
N ASP A 90 1.46 33.13 -18.52
CA ASP A 90 0.45 32.21 -19.01
C ASP A 90 -0.87 32.95 -19.08
N ALA A 91 -1.41 33.05 -20.29
CA ALA A 91 -2.60 33.83 -20.50
C ALA A 91 -3.77 33.35 -19.64
N ALA A 92 -3.83 32.04 -19.42
CA ALA A 92 -4.82 31.43 -18.53
C ALA A 92 -4.77 31.99 -17.12
N SER A 93 -3.56 32.31 -16.64
CA SER A 93 -3.37 32.84 -15.29
C SER A 93 -3.79 34.29 -15.17
N ILE A 94 -3.82 35.06 -16.24
CA ILE A 94 -4.10 36.50 -16.12
C ILE A 94 -5.59 36.75 -16.15
N MET A 95 -6.30 35.90 -16.88
CA MET A 95 -7.76 35.93 -16.87
C MET A 95 -8.24 35.41 -15.50
N SER A 96 -8.60 36.35 -14.63
CA SER A 96 -9.08 36.07 -13.28
C SER A 96 -10.55 36.41 -13.18
N LYS A 97 -11.29 35.61 -12.42
CA LYS A 97 -12.74 35.64 -12.46
C LYS A 97 -13.33 36.85 -11.72
N TRP A 98 -12.49 37.75 -11.16
CA TRP A 98 -12.97 39.05 -10.67
C TRP A 98 -12.59 40.16 -11.63
N LEU A 99 -13.59 40.95 -12.02
CA LEU A 99 -13.40 42.26 -12.64
C LEU A 99 -12.27 42.97 -11.95
N GLY A 100 -11.32 43.51 -12.70
CA GLY A 100 -10.40 44.44 -12.09
C GLY A 100 -9.17 43.81 -11.49
N GLU A 101 -9.21 42.49 -11.26
CA GLU A 101 -8.00 41.79 -10.89
C GLU A 101 -7.27 41.48 -12.18
N ALA A 102 -8.03 41.03 -13.18
CA ALA A 102 -7.47 40.76 -14.49
C ALA A 102 -6.91 42.04 -15.10
N GLU A 103 -7.69 43.12 -15.03
CA GLU A 103 -7.23 44.42 -15.53
C GLU A 103 -5.89 44.79 -14.91
N LYS A 104 -5.87 44.73 -13.58
CA LYS A 104 -4.65 44.88 -12.80
C LYS A 104 -3.52 44.01 -13.36
N ASN A 105 -3.79 42.72 -13.51
CA ASN A 105 -2.80 41.83 -14.11
C ASN A 105 -2.27 42.37 -15.42
N VAL A 106 -3.16 42.64 -16.38
CA VAL A 106 -2.63 43.05 -17.69
C VAL A 106 -1.88 44.36 -17.59
N ALA A 107 -2.33 45.28 -16.74
CA ALA A 107 -1.57 46.54 -16.61
C ALA A 107 -0.16 46.33 -16.01
N LYS A 108 -0.13 45.56 -14.94
CA LYS A 108 1.12 45.23 -14.24
C LYS A 108 2.19 44.67 -15.19
N ILE A 109 1.77 43.78 -16.07
CA ILE A 109 2.68 43.10 -16.94
C ILE A 109 3.45 44.13 -17.76
N PHE A 110 2.69 44.86 -18.56
CA PHE A 110 3.26 45.86 -19.42
C PHE A 110 4.02 46.92 -18.62
N LYS A 111 3.48 47.37 -17.49
CA LYS A 111 4.24 48.32 -16.69
C LYS A 111 5.62 47.78 -16.31
N THR A 112 5.63 46.60 -15.70
CA THR A 112 6.89 45.92 -15.35
C THR A 112 7.83 45.87 -16.55
N ALA A 113 7.29 45.38 -17.68
CA ALA A 113 8.08 45.36 -18.92
C ALA A 113 8.74 46.72 -19.16
N ARG A 114 7.91 47.75 -19.28
CA ARG A 114 8.42 49.11 -19.56
C ARG A 114 9.46 49.60 -18.55
N GLU A 115 9.20 49.38 -17.27
CA GLU A 115 10.17 49.77 -16.24
C GLU A 115 11.48 49.04 -16.40
N LEU A 116 11.40 47.72 -16.56
CA LEU A 116 12.63 46.94 -16.76
C LEU A 116 13.39 47.42 -17.99
N SER A 117 12.66 47.69 -19.07
CA SER A 117 13.30 48.20 -20.29
C SER A 117 14.00 49.52 -20.03
N LYS A 118 13.24 50.46 -19.45
CA LYS A 118 13.77 51.78 -19.17
C LYS A 118 14.97 51.72 -18.22
N LYS A 119 14.90 50.91 -17.16
CA LYS A 119 16.00 50.83 -16.19
C LYS A 119 17.32 50.29 -16.79
N GLU A 120 17.25 49.19 -17.53
CA GLU A 120 18.44 48.56 -18.09
C GLU A 120 18.81 49.11 -19.47
N ASN A 121 17.97 49.97 -20.03
CA ASN A 121 18.19 50.48 -21.37
C ASN A 121 18.45 49.37 -22.34
N LYS A 122 17.50 48.46 -22.41
CA LYS A 122 17.51 47.42 -23.42
C LYS A 122 16.08 46.88 -23.56
N PRO A 123 15.85 45.97 -24.50
CA PRO A 123 14.47 45.59 -24.67
C PRO A 123 13.94 44.72 -23.55
N ALA A 124 12.60 44.65 -23.51
CA ALA A 124 11.95 43.73 -22.61
C ALA A 124 10.98 42.90 -23.44
N ILE A 125 10.99 41.60 -23.19
CA ILE A 125 10.19 40.68 -24.00
C ILE A 125 9.14 40.05 -23.11
N ILE A 126 7.89 40.24 -23.47
CA ILE A 126 6.81 39.57 -22.78
C ILE A 126 6.46 38.34 -23.60
N PHE A 127 6.56 37.16 -23.01
CA PHE A 127 6.10 35.98 -23.69
C PHE A 127 4.80 35.60 -23.07
N ILE A 128 3.78 35.49 -23.89
CA ILE A 128 2.49 35.10 -23.34
C ILE A 128 2.11 33.80 -23.99
N ASP A 129 2.10 32.72 -23.22
CA ASP A 129 1.64 31.45 -23.79
C ASP A 129 0.19 31.19 -23.46
N GLU A 130 -0.40 30.23 -24.17
CA GLU A 130 -1.85 30.00 -24.12
C GLU A 130 -2.63 31.28 -24.47
N LEU A 131 -2.10 32.12 -25.37
CA LEU A 131 -2.74 33.41 -25.70
C LEU A 131 -4.25 33.31 -25.94
N ASP A 132 -4.66 32.28 -26.66
CA ASP A 132 -6.07 32.04 -26.97
C ASP A 132 -6.95 32.10 -25.73
N ALA A 133 -6.42 31.67 -24.60
CA ALA A 133 -7.12 31.75 -23.32
C ALA A 133 -7.63 33.14 -22.96
N LEU A 134 -7.09 34.18 -23.58
CA LEU A 134 -7.66 35.52 -23.37
C LEU A 134 -9.08 35.67 -23.94
N LEU A 135 -9.49 34.78 -24.84
CA LEU A 135 -10.81 34.84 -25.48
C LEU A 135 -11.84 33.82 -24.92
N ALA A 136 -11.38 33.00 -23.98
CA ALA A 136 -12.21 32.05 -23.26
C ALA A 136 -12.83 32.75 -22.02
N SER A 137 -14.14 32.56 -21.80
CA SER A 137 -14.89 33.35 -20.78
C SER A 137 -14.63 32.90 -19.35
N TYR A 138 -14.75 33.82 -18.38
CA TYR A 138 -14.61 33.48 -16.94
C TYR A 138 -15.75 34.08 -16.07
N THR A 139 -15.90 35.40 -16.03
CA THR A 139 -17.04 36.03 -15.35
C THR A 139 -18.22 36.27 -16.29
N GLY A 143 -17.95 43.47 -21.67
CA GLY A 143 -17.15 42.64 -20.77
C GLY A 143 -17.93 41.57 -20.03
N GLY A 144 -17.40 41.10 -18.89
CA GLY A 144 -16.17 41.63 -18.29
C GLY A 144 -14.92 41.30 -19.08
N GLU A 145 -14.76 40.02 -19.43
CA GLU A 145 -13.53 39.54 -20.10
C GLU A 145 -13.14 40.33 -21.37
N ALA A 146 -14.15 40.93 -22.00
CA ALA A 146 -13.96 41.82 -23.14
C ALA A 146 -13.20 43.08 -22.73
N ARG A 147 -13.64 43.71 -21.65
CA ARG A 147 -12.96 44.89 -21.10
C ARG A 147 -11.48 44.66 -20.77
N VAL A 148 -11.13 43.46 -20.31
CA VAL A 148 -9.73 43.06 -20.07
C VAL A 148 -9.00 42.90 -21.41
N ARG A 149 -9.63 42.17 -22.31
CA ARG A 149 -9.12 42.01 -23.67
C ARG A 149 -8.74 43.37 -24.30
N ASN A 150 -9.71 44.27 -24.31
CA ASN A 150 -9.51 45.56 -24.94
C ASN A 150 -8.44 46.35 -24.23
N GLN A 151 -8.38 46.23 -22.91
CA GLN A 151 -7.30 46.84 -22.15
C GLN A 151 -5.94 46.29 -22.59
N PHE A 152 -5.86 44.97 -22.76
CA PHE A 152 -4.64 44.35 -23.29
C PHE A 152 -4.28 44.93 -24.67
N LEU A 153 -5.25 44.91 -25.58
CA LEU A 153 -5.01 45.40 -26.93
C LEU A 153 -4.59 46.88 -26.95
N LYS A 154 -5.20 47.70 -26.08
CA LYS A 154 -4.77 49.08 -25.95
C LYS A 154 -3.26 49.13 -25.64
N GLU A 155 -2.85 48.34 -24.64
CA GLU A 155 -1.45 48.21 -24.26
C GLU A 155 -0.62 47.81 -25.48
N MET A 156 -1.11 46.83 -26.23
CA MET A 156 -0.43 46.41 -27.48
C MET A 156 -0.20 47.62 -28.38
N ASP A 157 -1.31 48.25 -28.74
CA ASP A 157 -1.28 49.44 -29.59
C ASP A 157 -0.31 50.48 -29.06
N GLY A 158 -0.19 50.58 -27.75
CA GLY A 158 0.78 51.47 -27.11
C GLY A 158 2.27 51.14 -27.26
N LEU A 159 2.64 49.95 -27.78
CA LEU A 159 4.06 49.53 -27.78
C LEU A 159 4.99 50.32 -28.72
N ALA A 160 4.48 50.71 -29.87
CA ALA A 160 5.27 51.40 -30.89
C ALA A 160 5.38 52.90 -30.62
N ASP A 161 4.51 53.44 -29.77
CA ASP A 161 4.45 54.88 -29.52
C ASP A 161 5.81 55.53 -29.46
N LYS A 162 5.96 56.60 -30.25
CA LYS A 162 7.26 57.16 -30.63
C LYS A 162 8.06 57.66 -29.44
N ASN A 163 7.36 58.32 -28.52
CA ASN A 163 7.97 59.02 -27.41
C ASN A 163 8.48 58.13 -26.27
N GLU A 164 7.96 56.91 -26.15
CA GLU A 164 8.37 55.99 -25.07
C GLU A 164 9.80 55.50 -25.24
N ILE A 165 10.61 55.72 -24.20
CA ILE A 165 12.03 55.32 -24.28
C ILE A 165 12.22 53.81 -24.05
N SER A 166 11.29 53.17 -23.35
CA SER A 166 11.29 51.70 -23.20
C SER A 166 10.93 50.97 -24.49
N LYS A 167 11.63 49.87 -24.74
CA LYS A 167 11.41 49.03 -25.91
C LYS A 167 10.88 47.65 -25.53
N VAL A 168 9.56 47.51 -25.68
CA VAL A 168 8.86 46.32 -25.21
C VAL A 168 8.25 45.54 -26.35
N TYR A 169 8.54 44.25 -26.38
CA TYR A 169 8.00 43.41 -27.43
C TYR A 169 7.06 42.36 -26.80
N VAL A 170 5.96 42.07 -27.47
CA VAL A 170 5.12 40.98 -27.04
C VAL A 170 5.28 39.84 -28.04
N ILE A 171 5.69 38.68 -27.52
CA ILE A 171 5.64 37.39 -28.23
C ILE A 171 4.52 36.47 -27.69
N GLY A 172 3.50 36.28 -28.52
CA GLY A 172 2.31 35.57 -28.11
C GLY A 172 2.38 34.20 -28.68
N ALA A 173 1.90 33.23 -27.93
CA ALA A 173 1.93 31.85 -28.39
C ALA A 173 0.62 31.12 -28.13
N THR A 174 0.28 30.25 -29.07
CA THR A 174 -0.98 29.55 -28.98
C THR A 174 -0.89 28.27 -29.84
N ASN A 175 -1.57 27.19 -29.42
CA ASN A 175 -1.69 25.96 -30.22
C ASN A 175 -3.01 25.94 -30.97
N LYS A 176 -3.78 27.03 -30.82
CA LYS A 176 -5.12 27.12 -31.40
C LYS A 176 -5.27 28.54 -31.95
N PRO A 177 -4.41 28.88 -32.91
CA PRO A 177 -4.47 30.24 -33.44
C PRO A 177 -5.88 30.60 -33.93
N TRP A 178 -6.53 29.64 -34.58
CA TRP A 178 -7.92 29.81 -35.03
C TRP A 178 -8.90 30.28 -33.96
N ARG A 179 -8.57 30.07 -32.70
CA ARG A 179 -9.38 30.67 -31.65
C ARG A 179 -9.23 32.20 -31.44
N LEU A 180 -8.37 32.85 -32.22
CA LEU A 180 -8.12 34.26 -32.06
C LEU A 180 -9.00 34.99 -33.03
N ASP A 181 -9.67 36.05 -32.55
CA ASP A 181 -10.51 36.87 -33.41
C ASP A 181 -9.72 37.97 -34.10
N GLU A 182 -10.39 38.67 -35.01
CA GLU A 182 -9.74 39.67 -35.85
C GLU A 182 -9.13 40.85 -35.07
N PRO A 183 -9.88 41.43 -34.12
CA PRO A 183 -9.34 42.55 -33.35
C PRO A 183 -8.02 42.20 -32.72
N PHE A 184 -7.96 40.97 -32.25
CA PHE A 184 -6.84 40.47 -31.55
C PHE A 184 -5.72 40.14 -32.51
N LEU A 185 -6.06 39.50 -33.62
CA LEU A 185 -5.07 39.25 -34.66
C LEU A 185 -4.42 40.50 -35.22
N ARG A 186 -5.14 41.59 -35.33
CA ARG A 186 -4.46 42.77 -35.94
C ARG A 186 -3.30 43.35 -35.11
N ARG A 187 -3.27 43.13 -33.79
CA ARG A 187 -2.13 43.56 -32.96
C ARG A 187 -0.90 42.70 -33.13
N PHE A 188 -1.07 41.53 -33.74
CA PHE A 188 0.04 40.64 -34.06
C PHE A 188 0.26 40.60 -35.58
N GLN A 189 1.11 41.49 -36.06
CA GLN A 189 1.28 41.62 -37.50
C GLN A 189 2.30 40.65 -38.04
N LYS A 190 3.19 40.18 -37.18
CA LYS A 190 4.20 39.20 -37.55
C LYS A 190 3.72 37.85 -37.01
N ARG A 191 3.66 36.84 -37.85
CA ARG A 191 3.07 35.59 -37.47
C ARG A 191 3.81 34.44 -38.06
N ILE A 192 4.45 33.68 -37.20
CA ILE A 192 5.32 32.62 -37.66
C ILE A 192 4.72 31.22 -37.35
N TYR A 193 4.71 30.36 -38.36
CA TYR A 193 4.31 28.96 -38.16
C TYR A 193 5.43 28.14 -37.62
N ILE A 194 5.32 27.67 -36.38
CA ILE A 194 6.33 26.74 -35.86
C ILE A 194 5.87 25.29 -36.02
N THR A 195 6.56 24.59 -36.94
CA THR A 195 6.15 23.27 -37.47
C THR A 195 6.67 22.05 -36.66
N LEU A 196 6.08 20.89 -36.92
CA LEU A 196 6.65 19.62 -36.42
C LEU A 196 8.10 19.50 -36.93
N PRO A 197 8.95 18.71 -36.23
CA PRO A 197 10.29 18.49 -36.76
C PRO A 197 10.26 17.49 -37.91
N ASP A 198 10.94 17.82 -39.01
CA ASP A 198 10.98 16.99 -40.22
C ASP A 198 11.91 15.82 -40.02
N LYS A 199 11.96 14.95 -41.01
CA LYS A 199 12.65 13.68 -40.92
C LYS A 199 14.13 13.89 -40.53
N ALA A 200 14.78 14.87 -41.17
CA ALA A 200 16.16 15.23 -40.85
C ALA A 200 16.31 15.78 -39.43
N HIS A 201 15.31 16.50 -38.95
CA HIS A 201 15.44 17.24 -37.69
C HIS A 201 15.15 16.33 -36.52
N ARG A 202 14.08 15.57 -36.62
CA ARG A 202 13.88 14.43 -35.73
C ARG A 202 15.19 13.60 -35.52
N LEU A 203 15.94 13.35 -36.59
CA LEU A 203 17.20 12.67 -36.39
C LEU A 203 18.06 13.48 -35.42
N GLU A 204 18.23 14.78 -35.66
CA GLU A 204 19.12 15.56 -34.78
C GLU A 204 18.60 15.50 -33.36
N LEU A 205 17.28 15.61 -33.22
CA LEU A 205 16.63 15.53 -31.92
C LEU A 205 16.98 14.24 -31.22
N LEU A 206 16.85 13.12 -31.95
CA LEU A 206 17.18 11.79 -31.41
C LEU A 206 18.63 11.65 -31.03
N LYS A 207 19.51 12.11 -31.92
CA LYS A 207 20.92 12.14 -31.58
C LYS A 207 21.13 12.93 -30.30
N HIS A 208 20.47 14.08 -30.20
CA HIS A 208 20.63 14.97 -29.04
C HIS A 208 20.13 14.38 -27.72
N TYR A 209 18.88 13.95 -27.69
CA TYR A 209 18.36 13.33 -26.47
C TYR A 209 19.07 12.02 -26.16
N SER A 210 19.17 11.14 -27.15
CA SER A 210 19.75 9.86 -26.91
C SER A 210 21.19 10.05 -26.43
N SER A 211 21.89 11.08 -26.93
CA SER A 211 23.34 11.25 -26.60
C SER A 211 23.77 11.01 -25.14
N LYS A 212 22.92 11.30 -24.15
CA LYS A 212 23.33 11.13 -22.75
C LYS A 212 22.99 9.76 -22.13
N VAL A 213 22.63 8.80 -22.98
CA VAL A 213 22.38 7.45 -22.48
C VAL A 213 22.94 6.35 -23.38
N LYS A 214 23.05 5.15 -22.81
CA LYS A 214 23.76 4.10 -23.48
C LYS A 214 22.90 3.33 -24.45
N LEU A 215 23.27 3.42 -25.72
CA LEU A 215 22.59 2.72 -26.80
C LEU A 215 23.30 1.45 -27.21
N ASP A 216 22.53 0.41 -27.50
CA ASP A 216 23.04 -0.78 -28.17
C ASP A 216 23.51 -0.36 -29.58
N PRO A 217 24.53 -1.05 -30.14
CA PRO A 217 24.96 -0.78 -31.53
C PRO A 217 23.89 -1.01 -32.59
N ASN A 218 22.96 -1.93 -32.32
CA ASN A 218 21.89 -2.26 -33.25
C ASN A 218 20.86 -1.12 -33.45
N VAL A 219 20.96 -0.08 -32.62
CA VAL A 219 20.09 1.07 -32.72
C VAL A 219 20.44 1.93 -33.93
N ASN A 220 19.43 2.19 -34.75
CA ASN A 220 19.56 2.86 -36.03
C ASN A 220 18.77 4.16 -35.97
N LEU A 221 19.44 5.26 -35.69
CA LEU A 221 18.72 6.53 -35.48
C LEU A 221 17.97 7.05 -36.72
N GLU A 222 18.54 6.78 -37.89
CA GLU A 222 17.90 7.10 -39.17
C GLU A 222 16.54 6.46 -39.31
N GLU A 223 16.47 5.19 -38.92
CA GLU A 223 15.22 4.43 -39.02
C GLU A 223 14.18 5.05 -38.07
N LEU A 224 14.61 5.22 -36.82
CA LEU A 224 13.76 5.84 -35.81
C LEU A 224 13.27 7.26 -36.21
N ALA A 225 14.14 8.05 -36.83
CA ALA A 225 13.69 9.34 -37.39
C ALA A 225 12.53 9.08 -38.38
N GLU A 226 12.62 8.03 -39.20
CA GLU A 226 11.58 7.71 -40.18
C GLU A 226 10.30 7.30 -39.48
N LEU A 227 10.46 6.44 -38.49
CA LEU A 227 9.36 5.96 -37.69
C LEU A 227 8.69 7.06 -36.88
N THR A 228 9.42 8.12 -36.54
CA THR A 228 8.86 9.19 -35.74
C THR A 228 8.23 10.34 -36.58
N ASP A 229 7.80 10.03 -37.81
CA ASP A 229 7.08 10.98 -38.62
C ASP A 229 5.79 11.39 -37.88
N GLY A 230 5.63 12.69 -37.66
CA GLY A 230 4.44 13.21 -37.00
C GLY A 230 4.63 13.45 -35.52
N TYR A 231 5.75 13.02 -34.95
CA TYR A 231 5.96 13.23 -33.52
C TYR A 231 6.62 14.59 -33.31
N THR A 232 6.22 15.25 -32.22
CA THR A 232 6.77 16.55 -31.81
C THR A 232 8.09 16.37 -31.06
N ALA A 233 8.88 17.43 -31.07
CA ALA A 233 10.17 17.38 -30.44
C ALA A 233 10.06 16.90 -28.98
N SER A 234 9.04 17.34 -28.27
CA SER A 234 8.88 16.90 -26.90
C SER A 234 8.55 15.41 -26.86
N ASP A 235 7.66 15.03 -27.77
CA ASP A 235 7.36 13.64 -28.02
C ASP A 235 8.66 12.83 -28.11
N ILE A 236 9.54 13.21 -29.04
CA ILE A 236 10.80 12.49 -29.21
C ILE A 236 11.58 12.34 -27.89
N ARG A 237 11.74 13.44 -27.17
CA ARG A 237 12.37 13.42 -25.84
C ARG A 237 11.71 12.38 -24.94
N ASP A 238 10.38 12.41 -24.93
CA ASP A 238 9.61 11.49 -24.09
C ASP A 238 9.80 10.03 -24.50
N ILE A 239 9.92 9.80 -25.81
CA ILE A 239 10.26 8.49 -26.32
C ILE A 239 11.57 8.10 -25.75
N VAL A 240 12.61 8.85 -26.03
CA VAL A 240 13.90 8.47 -25.45
C VAL A 240 13.76 8.19 -23.95
N GLN A 241 13.23 9.13 -23.16
CA GLN A 241 13.08 8.86 -21.72
C GLN A 241 12.44 7.53 -21.48
N SER A 242 11.35 7.29 -22.19
CA SER A 242 10.54 6.09 -21.94
C SER A 242 11.31 4.85 -22.29
N ALA A 243 12.01 4.87 -23.41
CA ALA A 243 12.86 3.75 -23.78
C ALA A 243 13.96 3.55 -22.75
N HIS A 244 14.55 4.65 -22.24
CA HIS A 244 15.58 4.55 -21.16
C HIS A 244 14.97 3.97 -19.93
N MET A 245 13.69 4.24 -19.73
CA MET A 245 13.02 3.73 -18.56
C MET A 245 12.99 2.19 -18.48
N ARG A 246 12.87 1.52 -19.64
CA ARG A 246 12.70 0.07 -19.68
C ARG A 246 13.89 -0.65 -19.10
N VAL A 247 15.09 -0.18 -19.44
CA VAL A 247 16.33 -0.78 -18.95
C VAL A 247 16.64 -0.42 -17.48
N VAL A 248 16.31 0.81 -17.10
CA VAL A 248 16.45 1.27 -15.71
C VAL A 248 15.55 0.44 -14.79
N LYS A 249 14.29 0.29 -15.22
CA LYS A 249 13.30 -0.55 -14.54
C LYS A 249 13.83 -1.97 -14.34
N GLU A 250 14.34 -2.54 -15.43
CA GLU A 250 14.95 -3.86 -15.39
C GLU A 250 16.07 -3.87 -14.35
N MET A 251 17.02 -2.94 -14.48
CA MET A 251 18.17 -2.88 -13.57
C MET A 251 17.79 -3.06 -12.11
N PHE A 252 16.91 -2.17 -11.67
CA PHE A 252 16.44 -2.15 -10.29
C PHE A 252 15.74 -3.44 -9.92
N GLU A 253 14.82 -3.89 -10.80
CA GLU A 253 14.09 -5.14 -10.57
C GLU A 253 15.06 -6.30 -10.36
N LYS A 254 16.13 -6.29 -11.14
CA LYS A 254 17.14 -7.35 -11.08
C LYS A 254 18.36 -7.00 -10.23
N ASN A 255 18.29 -5.94 -9.43
CA ASN A 255 19.42 -5.47 -8.61
C ASN A 255 20.76 -5.44 -9.34
N LEU A 256 20.81 -4.75 -10.49
CA LEU A 256 22.08 -4.54 -11.19
C LEU A 256 22.65 -3.17 -10.87
N GLN A 257 23.92 -2.98 -11.22
CA GLN A 257 24.66 -1.77 -10.87
C GLN A 257 24.46 -0.69 -11.92
N GLU A 258 24.54 -1.08 -13.19
CA GLU A 258 24.22 -0.20 -14.33
C GLU A 258 23.11 -0.82 -15.12
N PRO A 259 22.48 -0.04 -16.00
CA PRO A 259 21.44 -0.63 -16.84
C PRO A 259 21.96 -1.26 -18.12
N ARG A 260 21.23 -2.25 -18.61
CA ARG A 260 21.36 -2.74 -19.98
C ARG A 260 21.35 -1.57 -20.98
N ALA A 261 21.99 -1.73 -22.13
CA ALA A 261 21.91 -0.69 -23.15
C ALA A 261 20.52 -0.65 -23.76
N ILE A 262 20.19 0.48 -24.35
CA ILE A 262 18.90 0.63 -24.96
C ILE A 262 19.00 0.10 -26.38
N ASN A 263 18.21 -0.91 -26.72
CA ASN A 263 18.24 -1.44 -28.07
C ASN A 263 17.03 -1.07 -28.92
N MET A 264 17.17 -1.33 -30.22
CA MET A 264 16.15 -0.97 -31.22
C MET A 264 14.76 -1.47 -30.88
N ASP A 265 14.68 -2.66 -30.28
CA ASP A 265 13.40 -3.21 -29.84
C ASP A 265 12.81 -2.31 -28.81
N ASP A 266 13.64 -1.94 -27.82
CA ASP A 266 13.17 -1.08 -26.74
C ASP A 266 12.30 0.08 -27.30
N PHE A 267 12.81 0.75 -28.34
CA PHE A 267 12.06 1.83 -29.01
C PHE A 267 10.76 1.33 -29.65
N ARG A 268 10.87 0.27 -30.46
CA ARG A 268 9.67 -0.28 -31.11
C ARG A 268 8.57 -0.55 -30.09
N GLU A 269 8.96 -1.10 -28.95
CA GLU A 269 8.00 -1.38 -27.88
C GLU A 269 7.29 -0.12 -27.42
N VAL A 270 8.04 0.98 -27.29
CA VAL A 270 7.47 2.18 -26.72
C VAL A 270 6.66 2.95 -27.76
N LEU A 271 7.09 2.84 -29.01
CA LEU A 271 6.35 3.37 -30.13
C LEU A 271 5.03 2.61 -30.30
N LYS A 272 5.04 1.28 -30.17
CA LYS A 272 3.79 0.50 -30.20
C LYS A 272 2.66 1.14 -29.38
N VAL A 273 2.99 1.73 -28.24
CA VAL A 273 1.99 2.34 -27.35
C VAL A 273 1.93 3.88 -27.40
N ARG A 274 3.02 4.56 -27.78
CA ARG A 274 3.00 6.05 -27.90
C ARG A 274 2.63 6.58 -29.28
N LYS A 275 1.49 7.30 -29.41
CA LYS A 275 1.07 7.90 -30.69
C LYS A 275 1.64 9.34 -30.83
N PRO A 276 1.57 9.92 -32.05
CA PRO A 276 1.89 11.34 -32.15
C PRO A 276 1.00 12.17 -31.22
N SER A 277 1.56 13.19 -30.57
CA SER A 277 0.74 14.18 -29.82
C SER A 277 -0.19 15.01 -30.69
N VAL A 278 -0.09 14.92 -32.02
CA VAL A 278 -0.93 15.75 -32.88
C VAL A 278 -1.50 14.94 -34.04
N ASN A 279 -2.83 15.06 -34.17
CA ASN A 279 -3.63 14.30 -35.13
C ASN A 279 -3.69 14.94 -36.52
N GLN A 280 -3.95 14.08 -37.49
CA GLN A 280 -3.87 14.43 -38.91
C GLN A 280 -4.76 15.59 -39.24
N ASP A 281 -5.88 15.70 -38.54
CA ASP A 281 -6.78 16.85 -38.71
C ASP A 281 -6.09 18.14 -38.24
N MET A 282 -5.50 18.09 -37.05
CA MET A 282 -4.87 19.29 -36.46
C MET A 282 -3.89 19.89 -37.46
N LEU A 283 -3.10 19.05 -38.09
CA LEU A 283 -2.05 19.49 -39.04
C LEU A 283 -2.65 20.27 -40.20
N LYS A 284 -3.87 19.89 -40.57
CA LYS A 284 -4.63 20.57 -41.61
C LYS A 284 -5.21 21.85 -41.05
N ALA A 285 -5.72 21.79 -39.82
CA ALA A 285 -6.22 23.01 -39.16
C ALA A 285 -5.15 24.08 -39.20
N TYR A 286 -3.96 23.68 -38.80
CA TYR A 286 -2.83 24.55 -38.78
C TYR A 286 -2.50 25.07 -40.18
N ALA A 287 -2.36 24.20 -41.18
CA ALA A 287 -1.92 24.63 -42.53
C ALA A 287 -2.99 25.45 -43.29
N ALA A 288 -4.25 25.13 -43.01
CA ALA A 288 -5.40 25.94 -43.38
C ALA A 288 -5.27 27.32 -42.72
N TRP A 289 -5.23 27.37 -41.39
CA TRP A 289 -5.07 28.66 -40.71
C TRP A 289 -3.90 29.45 -41.29
N HIS A 290 -2.80 28.76 -41.52
CA HIS A 290 -1.58 29.32 -42.10
C HIS A 290 -1.82 29.88 -43.50
N GLU A 291 -2.62 29.15 -44.29
CA GLU A 291 -2.94 29.53 -45.68
C GLU A 291 -3.50 30.97 -45.79
N LYS A 292 -4.34 31.33 -44.83
CA LYS A 292 -4.51 32.71 -44.35
C LYS A 292 -3.62 32.57 -43.11
N PHE A 293 -3.27 33.57 -42.30
CA PHE A 293 -3.71 34.92 -42.34
C PHE A 293 -2.43 35.73 -42.51
N ASP B 15 2.06 24.89 12.03
CA ASP B 15 0.73 24.22 12.17
C ASP B 15 0.27 23.79 10.79
N ILE B 16 -0.76 22.93 10.74
CA ILE B 16 -1.30 22.37 9.47
C ILE B 16 -0.33 21.63 8.52
N VAL B 17 0.88 21.35 9.00
CA VAL B 17 1.85 20.58 8.23
C VAL B 17 1.60 19.07 8.51
N MET B 18 1.19 18.71 9.74
CA MET B 18 0.95 17.29 10.11
C MET B 18 2.15 16.41 9.73
N LYS B 19 3.36 16.71 10.20
CA LYS B 19 4.52 15.86 9.80
C LYS B 19 4.35 14.50 10.40
N GLU B 20 4.67 13.48 9.60
CA GLU B 20 4.48 12.10 10.00
C GLU B 20 5.80 11.38 9.73
N LYS B 21 5.78 10.09 10.05
CA LYS B 21 6.89 9.18 9.84
C LYS B 21 6.10 8.01 9.29
N PRO B 22 6.21 7.77 7.98
CA PRO B 22 5.19 6.95 7.38
C PRO B 22 5.48 5.47 7.59
N LYS B 23 4.72 4.84 8.49
CA LYS B 23 4.64 3.39 8.58
C LYS B 23 3.42 3.00 7.78
N VAL B 24 3.62 2.93 6.48
CA VAL B 24 2.71 2.24 5.59
C VAL B 24 3.62 1.73 4.50
N THR B 25 3.45 0.47 4.16
CA THR B 25 4.29 -0.12 3.13
C THR B 25 3.52 -0.35 1.84
N LEU B 26 4.28 -0.43 0.74
CA LEU B 26 3.72 -0.75 -0.57
C LEU B 26 3.01 -2.10 -0.57
N ASN B 27 3.63 -3.07 0.10
CA ASN B 27 3.15 -4.46 0.11
C ASN B 27 1.80 -4.60 0.79
N GLU B 28 1.46 -3.63 1.65
CA GLU B 28 0.14 -3.57 2.27
C GLU B 28 -0.96 -3.05 1.33
N ILE B 29 -0.58 -2.53 0.17
CA ILE B 29 -1.56 -1.93 -0.73
C ILE B 29 -2.00 -2.95 -1.75
N VAL B 30 -3.30 -3.22 -1.81
CA VAL B 30 -3.78 -4.35 -2.57
C VAL B 30 -3.46 -4.28 -4.06
N GLY B 31 -3.89 -3.24 -4.76
CA GLY B 31 -3.78 -3.30 -6.19
C GLY B 31 -2.60 -2.49 -6.64
N LEU B 32 -2.83 -1.73 -7.69
CA LEU B 32 -2.05 -0.55 -8.00
C LEU B 32 -0.61 -0.92 -8.30
N GLU B 33 -0.43 -2.11 -8.85
CA GLU B 33 0.89 -2.60 -9.21
C GLU B 33 1.53 -1.66 -10.24
N ASP B 34 0.74 -1.18 -11.20
CA ASP B 34 1.27 -0.27 -12.22
C ASP B 34 1.40 1.18 -11.70
N VAL B 35 0.58 1.56 -10.73
CA VAL B 35 0.68 2.86 -10.06
C VAL B 35 2.00 2.92 -9.29
N LYS B 36 2.15 1.93 -8.40
CA LYS B 36 3.37 1.69 -7.64
C LYS B 36 4.59 1.88 -8.55
N GLU B 37 4.56 1.25 -9.72
CA GLU B 37 5.67 1.36 -10.65
C GLU B 37 5.83 2.80 -11.15
N ALA B 38 4.74 3.45 -11.50
CA ALA B 38 4.85 4.83 -11.96
C ALA B 38 5.45 5.71 -10.87
N LEU B 39 5.09 5.48 -9.60
CA LEU B 39 5.65 6.32 -8.53
C LEU B 39 7.07 5.99 -8.23
N LYS B 40 7.40 4.70 -8.28
CA LYS B 40 8.80 4.27 -8.27
C LYS B 40 9.60 5.04 -9.32
N GLU B 41 9.08 5.00 -10.55
CA GLU B 41 9.73 5.58 -11.71
C GLU B 41 9.79 7.11 -11.62
N ALA B 42 8.76 7.76 -11.07
CA ALA B 42 8.71 9.24 -10.98
C ALA B 42 9.51 9.77 -9.78
N VAL B 43 9.58 8.98 -8.71
CA VAL B 43 10.20 9.45 -7.48
C VAL B 43 11.35 8.61 -6.93
N VAL B 44 11.18 7.29 -6.83
CA VAL B 44 12.18 6.49 -6.14
C VAL B 44 13.43 6.40 -7.00
N TYR B 45 13.30 5.89 -8.22
CA TYR B 45 14.47 5.62 -9.04
C TYR B 45 15.29 6.88 -9.32
N PRO B 46 14.64 8.05 -9.54
CA PRO B 46 15.42 9.29 -9.64
C PRO B 46 16.18 9.66 -8.38
N SER B 47 15.51 9.51 -7.21
CA SER B 47 16.13 9.81 -5.91
C SER B 47 17.30 8.88 -5.70
N LYS B 48 17.13 7.61 -6.06
CA LYS B 48 18.18 6.64 -5.82
C LYS B 48 19.28 6.74 -6.83
N ARG B 49 18.95 7.09 -8.06
CA ARG B 49 19.92 7.12 -9.15
C ARG B 49 19.75 8.32 -10.12
N PRO B 50 19.85 9.58 -9.60
CA PRO B 50 19.76 10.80 -10.43
C PRO B 50 20.61 10.76 -11.69
N ASP B 51 21.79 10.17 -11.57
CA ASP B 51 22.72 10.03 -12.70
C ASP B 51 22.09 9.35 -13.92
N LEU B 52 21.09 8.50 -13.68
CA LEU B 52 20.37 7.83 -14.77
C LEU B 52 19.19 8.62 -15.32
N PHE B 53 19.09 9.91 -14.97
CA PHE B 53 17.99 10.75 -15.47
C PHE B 53 18.48 12.07 -16.07
N PRO B 54 19.39 11.96 -17.05
CA PRO B 54 20.07 13.10 -17.63
C PRO B 54 19.14 13.97 -18.46
N LEU B 55 17.90 13.53 -18.65
CA LEU B 55 16.89 14.35 -19.26
C LEU B 55 15.94 14.94 -18.23
N GLY B 56 16.33 15.00 -16.96
CA GLY B 56 15.46 15.62 -15.94
C GLY B 56 14.20 14.80 -15.64
N TRP B 57 13.43 15.27 -14.65
CA TRP B 57 12.21 14.57 -14.24
C TRP B 57 11.29 15.48 -13.43
N PRO B 58 9.99 15.27 -13.53
CA PRO B 58 9.05 16.15 -12.85
C PRO B 58 8.99 15.89 -11.35
N ARG B 59 8.75 16.95 -10.57
CA ARG B 59 8.64 16.85 -9.12
C ARG B 59 7.20 17.02 -8.58
N GLY B 60 6.24 17.28 -9.45
CA GLY B 60 4.89 17.40 -9.02
C GLY B 60 4.16 16.26 -9.67
N ILE B 61 3.60 15.37 -8.84
CA ILE B 61 2.83 14.20 -9.29
C ILE B 61 1.35 14.23 -8.81
N LEU B 62 0.43 14.17 -9.78
CA LEU B 62 -0.99 14.19 -9.50
C LEU B 62 -1.52 12.82 -9.42
N LEU B 63 -2.09 12.48 -8.27
CA LEU B 63 -2.94 11.32 -8.15
C LEU B 63 -4.37 11.77 -8.22
N TYR B 64 -5.13 11.20 -9.16
CA TYR B 64 -6.55 11.51 -9.28
C TYR B 64 -7.38 10.24 -9.39
N GLY B 65 -8.61 10.31 -8.87
CA GLY B 65 -9.57 9.19 -8.93
C GLY B 65 -10.72 9.34 -7.94
N PRO B 66 -11.55 8.31 -7.81
CA PRO B 66 -12.58 8.36 -6.78
C PRO B 66 -12.01 8.17 -5.40
N PRO B 67 -12.81 8.48 -4.38
CA PRO B 67 -12.32 8.45 -2.99
C PRO B 67 -12.14 7.09 -2.40
N GLY B 68 -11.19 7.01 -1.48
CA GLY B 68 -10.88 5.78 -0.77
C GLY B 68 -10.35 4.66 -1.63
N CYS B 69 -9.56 4.98 -2.65
CA CYS B 69 -8.99 3.93 -3.49
C CYS B 69 -7.50 3.81 -3.35
N GLY B 70 -6.89 4.65 -2.51
CA GLY B 70 -5.47 4.48 -2.11
C GLY B 70 -4.48 5.58 -2.51
N LYS B 71 -5.00 6.74 -2.90
CA LYS B 71 -4.16 7.88 -3.18
C LYS B 71 -3.32 8.24 -1.94
N THR B 72 -3.94 8.34 -0.77
CA THR B 72 -3.16 8.66 0.45
C THR B 72 -2.14 7.55 0.78
N MET B 73 -2.63 6.29 0.76
CA MET B 73 -1.78 5.11 1.08
C MET B 73 -0.58 5.03 0.18
N ILE B 74 -0.82 5.08 -1.12
CA ILE B 74 0.24 5.00 -2.09
C ILE B 74 1.29 6.11 -1.87
N ALA B 75 0.87 7.31 -1.46
CA ALA B 75 1.83 8.40 -1.26
C ALA B 75 2.71 8.13 -0.03
N ALA B 76 2.08 7.72 1.07
CA ALA B 76 2.81 7.41 2.30
C ALA B 76 3.74 6.20 2.12
N ALA B 77 3.23 5.21 1.40
CA ALA B 77 3.98 4.02 1.06
C ALA B 77 5.26 4.34 0.34
N VAL B 78 5.26 5.35 -0.53
CA VAL B 78 6.50 5.75 -1.21
C VAL B 78 7.47 6.42 -0.24
N ALA B 79 6.94 7.36 0.53
CA ALA B 79 7.74 8.04 1.52
C ALA B 79 8.44 7.04 2.42
N ASN B 80 7.69 6.01 2.78
CA ASN B 80 8.26 4.86 3.50
C ASN B 80 9.32 4.11 2.69
N GLU B 81 9.03 3.84 1.41
CA GLU B 81 9.98 3.15 0.52
C GLU B 81 11.29 3.89 0.46
N LEU B 82 11.22 5.21 0.45
CA LEU B 82 12.41 6.05 0.47
C LEU B 82 12.93 6.31 1.86
N ASP B 83 12.16 5.98 2.89
CA ASP B 83 12.45 6.50 4.22
C ASP B 83 12.73 8.00 4.13
N SER B 84 11.94 8.67 3.29
CA SER B 84 12.02 10.11 3.16
C SER B 84 11.01 10.71 4.13
N GLU B 85 11.20 11.99 4.43
CA GLU B 85 10.25 12.74 5.27
C GLU B 85 8.92 12.92 4.56
N PHE B 86 7.83 12.78 5.30
CA PHE B 86 6.48 12.86 4.72
C PHE B 86 5.64 13.95 5.38
N ILE B 87 5.09 14.85 4.57
CA ILE B 87 4.42 16.04 5.04
C ILE B 87 2.99 16.11 4.49
N HIS B 88 2.02 15.79 5.34
CA HIS B 88 0.62 15.71 4.92
C HIS B 88 -0.11 17.02 5.11
N VAL B 89 -0.59 17.60 4.02
CA VAL B 89 -1.42 18.79 4.06
C VAL B 89 -2.77 18.57 3.36
N ASP B 90 -3.80 19.10 4.01
CA ASP B 90 -5.11 19.19 3.42
C ASP B 90 -5.26 20.57 2.80
N ALA B 91 -5.45 20.60 1.48
CA ALA B 91 -5.48 21.86 0.75
C ALA B 91 -6.55 22.79 1.30
N ALA B 92 -7.66 22.21 1.74
CA ALA B 92 -8.75 22.97 2.38
C ALA B 92 -8.28 23.76 3.60
N SER B 93 -7.36 23.18 4.35
CA SER B 93 -6.85 23.79 5.57
C SER B 93 -5.90 24.94 5.28
N ILE B 94 -5.26 24.97 4.10
CA ILE B 94 -4.24 26.02 3.84
C ILE B 94 -4.89 27.28 3.29
N MET B 95 -5.99 27.09 2.55
CA MET B 95 -6.81 28.22 2.11
C MET B 95 -7.53 28.81 3.32
N SER B 96 -6.97 29.91 3.82
CA SER B 96 -7.49 30.63 4.99
C SER B 96 -8.06 31.98 4.56
N LYS B 97 -9.15 32.38 5.20
CA LYS B 97 -9.97 33.48 4.74
C LYS B 97 -9.32 34.85 5.01
N TRP B 98 -8.12 34.90 5.62
CA TRP B 98 -7.34 36.13 5.68
C TRP B 98 -6.18 36.08 4.67
N LEU B 99 -6.09 37.13 3.84
CA LEU B 99 -4.89 37.44 3.06
C LEU B 99 -3.66 37.23 3.90
N GLY B 100 -2.67 36.51 3.39
CA GLY B 100 -1.39 36.53 4.07
C GLY B 100 -1.23 35.48 5.15
N GLU B 101 -2.34 34.90 5.62
CA GLU B 101 -2.24 33.72 6.47
C GLU B 101 -2.06 32.54 5.54
N ALA B 102 -2.83 32.51 4.47
CA ALA B 102 -2.71 31.46 3.46
C ALA B 102 -1.33 31.48 2.81
N GLU B 103 -0.87 32.68 2.44
CA GLU B 103 0.46 32.84 1.86
C GLU B 103 1.51 32.24 2.79
N LYS B 104 1.43 32.68 4.04
CA LYS B 104 2.24 32.11 5.13
C LYS B 104 2.18 30.60 5.14
N ASN B 105 0.97 30.05 5.15
CA ASN B 105 0.80 28.60 5.06
C ASN B 105 1.55 27.99 3.89
N VAL B 106 1.30 28.45 2.67
CA VAL B 106 1.99 27.79 1.54
C VAL B 106 3.50 27.96 1.63
N ALA B 107 3.99 29.12 2.11
CA ALA B 107 5.45 29.29 2.22
C ALA B 107 6.05 28.31 3.27
N LYS B 108 5.39 28.26 4.43
CA LYS B 108 5.80 27.37 5.55
C LYS B 108 5.98 25.91 5.08
N ILE B 109 5.03 25.46 4.29
CA ILE B 109 5.03 24.08 3.88
C ILE B 109 6.33 23.73 3.14
N PHE B 110 6.53 24.42 2.04
CA PHE B 110 7.70 24.23 1.22
C PHE B 110 8.97 24.51 2.01
N LYS B 111 9.00 25.58 2.81
CA LYS B 111 10.18 25.82 3.64
C LYS B 111 10.52 24.59 4.51
N THR B 112 9.54 24.15 5.28
CA THR B 112 9.69 22.97 6.13
C THR B 112 10.22 21.80 5.33
N ALA B 113 9.56 21.53 4.20
CA ALA B 113 10.04 20.49 3.30
C ALA B 113 11.52 20.62 3.02
N ARG B 114 11.91 21.77 2.45
CA ARG B 114 13.31 22.03 2.09
C ARG B 114 14.29 21.89 3.26
N GLU B 115 13.93 22.43 4.42
CA GLU B 115 14.76 22.29 5.60
C GLU B 115 14.93 20.85 6.02
N LEU B 116 13.81 20.13 6.10
CA LEU B 116 13.88 18.71 6.44
C LEU B 116 14.76 17.95 5.43
N SER B 117 14.59 18.26 4.14
CA SER B 117 15.38 17.60 3.12
C SER B 117 16.86 17.88 3.33
N LYS B 118 17.17 19.16 3.47
CA LYS B 118 18.55 19.59 3.65
C LYS B 118 19.18 19.00 4.92
N LYS B 119 18.43 18.98 6.02
CA LYS B 119 18.98 18.47 7.28
C LYS B 119 19.32 16.97 7.22
N GLU B 120 18.41 16.16 6.70
CA GLU B 120 18.61 14.71 6.64
C GLU B 120 19.33 14.24 5.36
N ASN B 121 19.59 15.17 4.42
CA ASN B 121 20.11 14.86 3.06
C ASN B 121 19.37 13.65 2.47
N LYS B 122 18.06 13.81 2.33
CA LYS B 122 17.24 12.84 1.61
C LYS B 122 15.96 13.55 1.18
N PRO B 123 15.11 12.87 0.41
CA PRO B 123 14.02 13.63 -0.11
C PRO B 123 12.99 13.99 0.94
N ALA B 124 12.16 14.96 0.57
CA ALA B 124 11.01 15.30 1.37
C ALA B 124 9.80 15.26 0.46
N ILE B 125 8.73 14.65 0.95
CA ILE B 125 7.54 14.48 0.16
C ILE B 125 6.40 15.27 0.79
N ILE B 126 5.86 16.20 0.02
CA ILE B 126 4.67 16.89 0.45
C ILE B 126 3.47 16.18 -0.18
N PHE B 127 2.55 15.70 0.63
CA PHE B 127 1.33 15.18 0.09
C PHE B 127 0.27 16.24 0.33
N ILE B 128 -0.40 16.67 -0.72
CA ILE B 128 -1.48 17.62 -0.54
C ILE B 128 -2.76 16.96 -1.00
N ASP B 129 -3.66 16.68 -0.08
CA ASP B 129 -4.97 16.14 -0.50
C ASP B 129 -6.02 17.23 -0.62
N GLU B 130 -7.13 16.89 -1.27
CA GLU B 130 -8.13 17.89 -1.63
C GLU B 130 -7.53 19.04 -2.45
N LEU B 131 -6.52 18.76 -3.27
CA LEU B 131 -5.81 19.81 -4.03
C LEU B 131 -6.76 20.82 -4.71
N ASP B 132 -7.82 20.31 -5.32
CA ASP B 132 -8.80 21.15 -5.99
C ASP B 132 -9.28 22.32 -5.14
N ALA B 133 -9.34 22.10 -3.84
CA ALA B 133 -9.72 23.15 -2.89
C ALA B 133 -8.88 24.42 -3.01
N LEU B 134 -7.70 24.33 -3.61
CA LEU B 134 -6.92 25.56 -3.85
C LEU B 134 -7.57 26.50 -4.84
N LEU B 135 -8.52 26.00 -5.64
CA LEU B 135 -9.19 26.84 -6.65
C LEU B 135 -10.60 27.33 -6.21
N ALA B 136 -11.05 26.87 -5.05
CA ALA B 136 -12.29 27.33 -4.44
C ALA B 136 -12.08 28.69 -3.75
N SER B 137 -13.17 29.47 -3.63
CA SER B 137 -13.23 30.71 -2.82
C SER B 137 -13.55 30.44 -1.35
N GLY B 143 -9.75 39.67 -4.60
CA GLY B 143 -9.02 38.78 -5.50
C GLY B 143 -7.84 38.08 -4.87
N GLY B 144 -8.04 37.54 -3.68
CA GLY B 144 -6.96 36.99 -2.88
C GLY B 144 -6.49 35.59 -3.23
N GLU B 145 -7.40 34.64 -3.30
CA GLU B 145 -7.05 33.20 -3.46
C GLU B 145 -6.14 32.92 -4.67
N ALA B 146 -6.18 33.83 -5.66
CA ALA B 146 -5.30 33.79 -6.82
C ALA B 146 -3.84 34.02 -6.41
N ARG B 147 -3.60 35.09 -5.65
CA ARG B 147 -2.25 35.42 -5.14
C ARG B 147 -1.60 34.26 -4.36
N VAL B 148 -2.41 33.51 -3.61
CA VAL B 148 -1.97 32.31 -2.88
C VAL B 148 -1.65 31.20 -3.87
N ARG B 149 -2.58 30.96 -4.78
CA ARG B 149 -2.37 29.98 -5.83
C ARG B 149 -1.03 30.20 -6.56
N ASN B 150 -0.85 31.41 -7.05
CA ASN B 150 0.33 31.72 -7.83
C ASN B 150 1.58 31.56 -6.99
N GLN B 151 1.48 31.95 -5.72
CA GLN B 151 2.58 31.74 -4.78
C GLN B 151 2.91 30.26 -4.67
N PHE B 152 1.87 29.42 -4.54
CA PHE B 152 2.06 27.96 -4.54
C PHE B 152 2.78 27.49 -5.81
N LEU B 153 2.22 27.88 -6.96
CA LEU B 153 2.81 27.46 -8.24
C LEU B 153 4.27 27.94 -8.39
N LYS B 154 4.59 29.15 -7.92
CA LYS B 154 5.97 29.63 -7.96
C LYS B 154 6.86 28.62 -7.20
N GLU B 155 6.42 28.27 -5.99
CA GLU B 155 7.08 27.26 -5.18
C GLU B 155 7.25 25.96 -5.98
N MET B 156 6.17 25.52 -6.63
CA MET B 156 6.25 24.33 -7.51
C MET B 156 7.37 24.45 -8.52
N ASP B 157 7.29 25.51 -9.32
CA ASP B 157 8.30 25.81 -10.33
C ASP B 157 9.70 25.81 -9.74
N GLY B 158 9.83 26.27 -8.49
CA GLY B 158 11.12 26.19 -7.79
C GLY B 158 11.69 24.82 -7.41
N LEU B 159 10.92 23.72 -7.56
CA LEU B 159 11.38 22.42 -7.02
C LEU B 159 12.57 21.76 -7.75
N ALA B 160 12.62 21.93 -9.06
CA ALA B 160 13.65 21.28 -9.88
C ALA B 160 14.96 22.04 -9.87
N ASP B 161 14.95 23.31 -9.44
CA ASP B 161 16.13 24.21 -9.50
C ASP B 161 17.44 23.57 -9.04
N LYS B 162 18.47 23.69 -9.89
CA LYS B 162 19.71 22.89 -9.80
C LYS B 162 20.53 23.19 -8.55
N ASN B 163 20.56 24.46 -8.18
CA ASN B 163 21.38 24.94 -7.06
C ASN B 163 20.94 24.45 -5.69
N GLU B 164 19.64 24.21 -5.51
CA GLU B 164 19.10 23.80 -4.23
C GLU B 164 19.53 22.37 -3.84
N ILE B 165 20.13 22.23 -2.66
CA ILE B 165 20.61 20.93 -2.14
C ILE B 165 19.44 20.02 -1.77
N SER B 166 18.36 20.63 -1.29
CA SER B 166 17.17 19.91 -0.87
C SER B 166 16.42 19.31 -2.07
N LYS B 167 15.92 18.09 -1.87
CA LYS B 167 15.14 17.36 -2.87
C LYS B 167 13.69 17.19 -2.41
N VAL B 168 12.83 18.05 -2.93
CA VAL B 168 11.43 18.09 -2.50
C VAL B 168 10.46 17.68 -3.60
N TYR B 169 9.55 16.77 -3.28
CA TYR B 169 8.56 16.34 -4.26
C TYR B 169 7.17 16.74 -3.76
N VAL B 170 6.31 17.16 -4.67
CA VAL B 170 4.92 17.37 -4.32
C VAL B 170 4.06 16.28 -4.97
N ILE B 171 3.34 15.56 -4.13
CA ILE B 171 2.27 14.64 -4.54
C ILE B 171 0.87 15.20 -4.21
N GLY B 172 0.14 15.57 -5.27
CA GLY B 172 -1.12 16.22 -5.11
C GLY B 172 -2.21 15.21 -5.34
N ALA B 173 -3.28 15.33 -4.60
CA ALA B 173 -4.40 14.41 -4.74
C ALA B 173 -5.75 15.12 -4.76
N THR B 174 -6.65 14.57 -5.56
CA THR B 174 -7.94 15.18 -5.76
C THR B 174 -8.91 14.11 -6.26
N ASN B 175 -10.19 14.23 -5.87
CA ASN B 175 -11.27 13.39 -6.42
C ASN B 175 -12.02 14.12 -7.51
N LYS B 176 -11.58 15.34 -7.83
CA LYS B 176 -12.23 16.18 -8.83
C LYS B 176 -11.14 16.86 -9.68
N PRO B 177 -10.34 16.03 -10.38
CA PRO B 177 -9.26 16.60 -11.15
C PRO B 177 -9.74 17.65 -12.13
N TRP B 178 -10.88 17.40 -12.76
CA TRP B 178 -11.52 18.40 -13.63
C TRP B 178 -11.69 19.79 -13.03
N ARG B 179 -11.70 19.90 -11.71
CA ARG B 179 -11.71 21.22 -11.12
C ARG B 179 -10.38 22.00 -11.16
N LEU B 180 -9.34 21.40 -11.73
CA LEU B 180 -8.03 22.03 -11.79
C LEU B 180 -7.91 22.73 -13.13
N ASP B 181 -7.45 23.98 -13.11
CA ASP B 181 -7.24 24.74 -14.35
C ASP B 181 -5.84 24.46 -14.95
N GLU B 182 -5.62 25.00 -16.14
CA GLU B 182 -4.41 24.72 -16.90
C GLU B 182 -3.10 25.17 -16.22
N PRO B 183 -3.07 26.40 -15.68
CA PRO B 183 -1.85 26.88 -15.02
C PRO B 183 -1.40 25.93 -13.94
N PHE B 184 -2.41 25.41 -13.26
CA PHE B 184 -2.20 24.54 -12.14
C PHE B 184 -1.83 23.13 -12.61
N LEU B 185 -2.55 22.63 -13.61
CA LEU B 185 -2.16 21.36 -14.20
C LEU B 185 -0.77 21.37 -14.75
N ARG B 186 -0.29 22.52 -15.23
CA ARG B 186 1.04 22.60 -15.82
C ARG B 186 2.17 22.20 -14.87
N ARG B 187 2.00 22.47 -13.58
CA ARG B 187 2.98 22.11 -12.55
C ARG B 187 2.99 20.62 -12.19
N PHE B 188 1.96 19.89 -12.60
CA PHE B 188 1.88 18.47 -12.36
C PHE B 188 1.98 17.75 -13.69
N GLN B 189 3.19 17.39 -14.07
CA GLN B 189 3.43 16.77 -15.37
C GLN B 189 3.22 15.25 -15.35
N LYS B 190 3.31 14.65 -14.17
CA LYS B 190 3.08 13.22 -14.02
C LYS B 190 1.70 13.06 -13.38
N ARG B 191 0.84 12.25 -13.98
CA ARG B 191 -0.53 12.20 -13.57
C ARG B 191 -1.05 10.81 -13.66
N ILE B 192 -1.32 10.24 -12.51
CA ILE B 192 -1.69 8.84 -12.44
C ILE B 192 -3.18 8.67 -12.08
N TYR B 193 -3.88 7.84 -12.84
CA TYR B 193 -5.26 7.50 -12.52
C TYR B 193 -5.28 6.41 -11.49
N ILE B 194 -5.75 6.69 -10.29
CA ILE B 194 -5.96 5.62 -9.30
C ILE B 194 -7.42 5.14 -9.30
N THR B 195 -7.59 3.93 -9.83
CA THR B 195 -8.89 3.34 -10.20
C THR B 195 -9.63 2.64 -9.05
N LEU B 196 -10.92 2.38 -9.25
CA LEU B 196 -11.64 1.45 -8.38
C LEU B 196 -10.93 0.09 -8.39
N PRO B 197 -11.08 -0.72 -7.32
CA PRO B 197 -10.47 -2.03 -7.37
C PRO B 197 -11.27 -2.95 -8.27
N ASP B 198 -10.58 -3.68 -9.16
CA ASP B 198 -11.21 -4.60 -10.12
C ASP B 198 -11.67 -5.87 -9.43
N LYS B 199 -12.32 -6.72 -10.20
CA LYS B 199 -12.98 -7.91 -9.65
C LYS B 199 -11.98 -8.77 -8.87
N ALA B 200 -10.81 -8.98 -9.44
CA ALA B 200 -9.73 -9.72 -8.77
C ALA B 200 -9.24 -9.04 -7.50
N HIS B 201 -9.21 -7.72 -7.50
CA HIS B 201 -8.57 -6.99 -6.41
C HIS B 201 -9.52 -6.83 -5.26
N ARG B 202 -10.76 -6.47 -5.54
CA ARG B 202 -11.81 -6.58 -4.56
C ARG B 202 -11.78 -7.95 -3.81
N LEU B 203 -11.53 -9.05 -4.52
CA LEU B 203 -11.36 -10.30 -3.82
C LEU B 203 -10.23 -10.17 -2.79
N GLU B 204 -9.05 -9.71 -3.20
CA GLU B 204 -7.94 -9.64 -2.25
C GLU B 204 -8.33 -8.76 -1.08
N LEU B 205 -8.98 -7.64 -1.38
CA LEU B 205 -9.46 -6.72 -0.36
C LEU B 205 -10.35 -7.43 0.66
N LEU B 206 -11.31 -8.21 0.13
CA LEU B 206 -12.24 -8.97 0.98
C LEU B 206 -11.55 -10.01 1.81
N LYS B 207 -10.64 -10.74 1.18
CA LYS B 207 -9.82 -11.66 1.92
C LYS B 207 -9.10 -10.92 3.06
N HIS B 208 -8.53 -9.77 2.74
CA HIS B 208 -7.75 -9.00 3.70
C HIS B 208 -8.56 -8.46 4.88
N TYR B 209 -9.62 -7.74 4.60
CA TYR B 209 -10.47 -7.23 5.68
C TYR B 209 -11.17 -8.37 6.43
N SER B 210 -11.80 -9.28 5.69
CA SER B 210 -12.52 -10.34 6.33
C SER B 210 -11.56 -11.16 7.20
N SER B 211 -10.30 -11.32 6.78
CA SER B 211 -9.35 -12.17 7.52
C SER B 211 -9.35 -12.08 9.05
N LYS B 212 -9.64 -10.92 9.63
CA LYS B 212 -9.59 -10.80 11.11
C LYS B 212 -10.92 -11.12 11.83
N VAL B 213 -11.90 -11.66 11.11
CA VAL B 213 -13.16 -12.02 11.72
C VAL B 213 -13.72 -13.35 11.23
N LYS B 214 -14.63 -13.90 12.00
CA LYS B 214 -15.05 -15.27 11.81
C LYS B 214 -16.15 -15.37 10.77
N LEU B 215 -15.83 -16.06 9.67
CA LEU B 215 -16.76 -16.32 8.57
C LEU B 215 -17.35 -17.70 8.60
N ASP B 216 -18.63 -17.79 8.26
CA ASP B 216 -19.29 -19.05 8.03
C ASP B 216 -18.64 -19.67 6.79
N PRO B 217 -18.62 -21.03 6.68
CA PRO B 217 -18.07 -21.70 5.49
C PRO B 217 -18.83 -21.40 4.22
N ASN B 218 -20.13 -21.10 4.36
CA ASN B 218 -21.00 -20.81 3.22
C ASN B 218 -20.65 -19.47 2.52
N VAL B 219 -19.77 -18.68 3.13
CA VAL B 219 -19.33 -17.41 2.56
C VAL B 219 -18.38 -17.64 1.39
N ASN B 220 -18.71 -17.02 0.27
CA ASN B 220 -18.04 -17.24 -1.01
C ASN B 220 -17.46 -15.93 -1.41
N LEU B 221 -16.17 -15.72 -1.12
CA LEU B 221 -15.54 -14.42 -1.38
C LEU B 221 -15.48 -14.03 -2.88
N GLU B 222 -15.34 -15.03 -3.76
CA GLU B 222 -15.42 -14.87 -5.22
C GLU B 222 -16.71 -14.23 -5.67
N GLU B 223 -17.82 -14.71 -5.11
CA GLU B 223 -19.14 -14.19 -5.45
C GLU B 223 -19.27 -12.73 -4.99
N LEU B 224 -18.91 -12.51 -3.73
CA LEU B 224 -18.92 -11.16 -3.14
C LEU B 224 -18.03 -10.19 -3.92
N ALA B 225 -16.86 -10.64 -4.38
CA ALA B 225 -16.06 -9.80 -5.26
C ALA B 225 -16.90 -9.40 -6.48
N GLU B 226 -17.66 -10.32 -7.05
CA GLU B 226 -18.51 -10.04 -8.24
C GLU B 226 -19.58 -9.03 -7.89
N LEU B 227 -20.22 -9.28 -6.76
CA LEU B 227 -21.28 -8.42 -6.28
C LEU B 227 -20.78 -7.04 -5.91
N THR B 228 -19.52 -6.90 -5.56
CA THR B 228 -18.98 -5.60 -5.18
C THR B 228 -18.38 -4.79 -6.37
N ASP B 229 -18.85 -5.07 -7.58
CA ASP B 229 -18.46 -4.29 -8.74
C ASP B 229 -18.89 -2.84 -8.51
N GLY B 230 -17.92 -1.92 -8.59
CA GLY B 230 -18.20 -0.50 -8.42
C GLY B 230 -17.89 0.02 -7.02
N TYR B 231 -17.61 -0.87 -6.08
CA TYR B 231 -17.34 -0.42 -4.73
C TYR B 231 -15.87 -0.11 -4.59
N THR B 232 -15.57 0.94 -3.81
CA THR B 232 -14.21 1.36 -3.47
C THR B 232 -13.62 0.52 -2.35
N ALA B 233 -12.31 0.50 -2.29
CA ALA B 233 -11.63 -0.27 -1.29
C ALA B 233 -12.12 0.09 0.12
N SER B 234 -12.35 1.36 0.40
CA SER B 234 -12.85 1.74 1.74
C SER B 234 -14.29 1.22 1.93
N ASP B 235 -15.07 1.33 0.85
CA ASP B 235 -16.38 0.73 0.78
C ASP B 235 -16.31 -0.72 1.24
N ILE B 236 -15.46 -1.51 0.60
CA ILE B 236 -15.33 -2.94 0.94
C ILE B 236 -15.07 -3.16 2.45
N ARG B 237 -14.09 -2.44 2.97
CA ARG B 237 -13.80 -2.44 4.40
C ARG B 237 -15.05 -2.17 5.21
N ASP B 238 -15.78 -1.14 4.80
CA ASP B 238 -17.00 -0.74 5.52
C ASP B 238 -18.10 -1.81 5.45
N ILE B 239 -18.19 -2.49 4.30
CA ILE B 239 -19.06 -3.66 4.16
C ILE B 239 -18.64 -4.67 5.19
N VAL B 240 -17.44 -5.18 5.10
CA VAL B 240 -17.03 -6.14 6.11
C VAL B 240 -17.37 -5.65 7.53
N GLN B 241 -16.93 -4.44 7.92
CA GLN B 241 -17.28 -3.95 9.28
C GLN B 241 -18.76 -4.10 9.54
N SER B 242 -19.55 -3.66 8.58
CA SER B 242 -20.97 -3.62 8.79
C SER B 242 -21.52 -4.99 8.94
N ALA B 243 -21.08 -5.92 8.10
CA ALA B 243 -21.53 -7.31 8.20
C ALA B 243 -21.10 -7.91 9.54
N HIS B 244 -19.88 -7.58 10.00
CA HIS B 244 -19.43 -8.00 11.37
C HIS B 244 -20.31 -7.40 12.43
N MET B 245 -20.83 -6.20 12.16
CA MET B 245 -21.68 -5.54 13.11
C MET B 245 -22.98 -6.32 13.44
N ARG B 246 -23.54 -7.00 12.43
CA ARG B 246 -24.84 -7.70 12.61
C ARG B 246 -24.76 -8.78 13.66
N VAL B 247 -23.67 -9.55 13.65
CA VAL B 247 -23.49 -10.68 14.59
C VAL B 247 -23.10 -10.18 15.97
N VAL B 248 -22.30 -9.11 16.02
CA VAL B 248 -21.88 -8.51 17.29
C VAL B 248 -23.13 -7.96 17.99
N LYS B 249 -23.93 -7.24 17.21
CA LYS B 249 -25.22 -6.70 17.67
C LYS B 249 -26.10 -7.81 18.25
N GLU B 250 -26.24 -8.89 17.48
CA GLU B 250 -27.03 -10.04 17.93
C GLU B 250 -26.42 -10.57 19.26
N MET B 251 -25.11 -10.78 19.30
CA MET B 251 -24.44 -11.30 20.51
C MET B 251 -24.87 -10.58 21.78
N PHE B 252 -24.64 -9.28 21.76
CA PHE B 252 -24.99 -8.43 22.89
C PHE B 252 -26.47 -8.49 23.23
N GLU B 253 -27.32 -8.32 22.21
CA GLU B 253 -28.78 -8.37 22.39
C GLU B 253 -29.19 -9.67 23.06
N LYS B 254 -28.55 -10.76 22.67
CA LYS B 254 -28.84 -12.08 23.22
C LYS B 254 -27.89 -12.53 24.35
N ASN B 255 -27.11 -11.60 24.90
CA ASN B 255 -26.13 -11.92 25.96
C ASN B 255 -25.30 -13.18 25.69
N LEU B 256 -24.64 -13.23 24.54
CA LEU B 256 -23.73 -14.32 24.25
C LEU B 256 -22.29 -13.91 24.51
N GLN B 257 -21.39 -14.90 24.57
CA GLN B 257 -19.99 -14.68 24.92
C GLN B 257 -19.16 -14.32 23.71
N GLU B 258 -19.36 -15.04 22.61
CA GLU B 258 -18.78 -14.72 21.29
C GLU B 258 -19.90 -14.47 20.30
N PRO B 259 -19.58 -13.84 19.17
CA PRO B 259 -20.58 -13.70 18.14
C PRO B 259 -20.71 -14.91 17.20
N ARG B 260 -21.90 -15.10 16.66
CA ARG B 260 -22.15 -15.98 15.52
C ARG B 260 -21.16 -15.67 14.41
N ALA B 261 -20.88 -16.66 13.56
CA ALA B 261 -20.05 -16.39 12.39
C ALA B 261 -20.78 -15.51 11.37
N ILE B 262 -20.03 -14.84 10.52
CA ILE B 262 -20.63 -14.00 9.51
C ILE B 262 -20.95 -14.87 8.31
N ASN B 263 -22.22 -14.95 7.93
CA ASN B 263 -22.58 -15.74 6.78
C ASN B 263 -22.90 -14.93 5.53
N MET B 264 -23.00 -15.63 4.40
CA MET B 264 -23.26 -15.02 3.09
C MET B 264 -24.47 -14.13 3.05
N ASP B 265 -25.51 -14.52 3.77
CA ASP B 265 -26.73 -13.74 3.81
C ASP B 265 -26.41 -12.41 4.55
N ASP B 266 -25.65 -12.46 5.64
CA ASP B 266 -25.23 -11.24 6.36
C ASP B 266 -24.74 -10.14 5.38
N PHE B 267 -23.86 -10.53 4.44
CA PHE B 267 -23.39 -9.61 3.41
C PHE B 267 -24.52 -9.14 2.49
N ARG B 268 -25.29 -10.07 1.96
CA ARG B 268 -26.39 -9.68 1.07
C ARG B 268 -27.27 -8.63 1.73
N GLU B 269 -27.54 -8.82 3.02
CA GLU B 269 -28.37 -7.88 3.74
C GLU B 269 -27.76 -6.49 3.73
N VAL B 270 -26.45 -6.41 3.89
CA VAL B 270 -25.81 -5.11 4.05
C VAL B 270 -25.62 -4.45 2.69
N LEU B 271 -25.40 -5.29 1.69
CA LEU B 271 -25.35 -4.84 0.31
C LEU B 271 -26.72 -4.32 -0.13
N LYS B 272 -27.80 -4.99 0.24
CA LYS B 272 -29.16 -4.49 -0.04
C LYS B 272 -29.32 -2.99 0.26
N VAL B 273 -28.68 -2.50 1.33
CA VAL B 273 -28.79 -1.09 1.75
C VAL B 273 -27.56 -0.23 1.43
N ARG B 274 -26.39 -0.83 1.24
CA ARG B 274 -25.28 -0.01 0.72
C ARG B 274 -25.47 0.33 -0.76
N LYS B 275 -24.65 1.25 -1.22
CA LYS B 275 -24.48 1.47 -2.64
C LYS B 275 -23.00 1.81 -2.88
N PRO B 276 -22.57 1.84 -4.14
CA PRO B 276 -21.16 2.08 -4.38
C PRO B 276 -20.55 3.30 -3.77
N SER B 277 -21.23 4.43 -3.80
CA SER B 277 -20.63 5.69 -3.31
C SER B 277 -19.75 6.36 -4.38
N VAL B 278 -19.55 5.72 -5.52
CA VAL B 278 -19.23 6.49 -6.72
C VAL B 278 -20.24 6.10 -7.79
N ASN B 279 -20.91 7.14 -8.32
CA ASN B 279 -21.97 6.99 -9.32
C ASN B 279 -21.42 6.83 -10.74
N GLN B 280 -22.26 6.20 -11.55
CA GLN B 280 -21.92 5.79 -12.91
C GLN B 280 -21.44 6.96 -13.76
N ASP B 281 -21.97 8.14 -13.48
CA ASP B 281 -21.53 9.36 -14.15
C ASP B 281 -20.08 9.69 -13.75
N MET B 282 -19.80 9.65 -12.45
CA MET B 282 -18.47 10.01 -11.95
C MET B 282 -17.42 9.21 -12.68
N LEU B 283 -17.67 7.93 -12.85
CA LEU B 283 -16.71 7.01 -13.48
C LEU B 283 -16.36 7.44 -14.91
N LYS B 284 -17.35 8.03 -15.56
CA LYS B 284 -17.19 8.58 -16.90
C LYS B 284 -16.47 9.92 -16.81
N ALA B 285 -16.82 10.73 -15.82
CA ALA B 285 -16.12 11.99 -15.60
C ALA B 285 -14.62 11.74 -15.51
N TYR B 286 -14.30 10.76 -14.68
CA TYR B 286 -12.94 10.36 -14.48
C TYR B 286 -12.29 9.85 -15.78
N ALA B 287 -12.92 8.92 -16.49
CA ALA B 287 -12.29 8.32 -17.69
C ALA B 287 -12.20 9.29 -18.90
N ALA B 288 -13.19 10.16 -18.99
CA ALA B 288 -13.16 11.35 -19.84
C ALA B 288 -11.95 12.23 -19.46
N TRP B 289 -11.90 12.73 -18.21
CA TRP B 289 -10.77 13.54 -17.78
C TRP B 289 -9.46 12.84 -18.10
N HIS B 290 -9.40 11.55 -17.84
CA HIS B 290 -8.24 10.70 -18.11
C HIS B 290 -7.89 10.68 -19.60
N GLU B 291 -8.93 10.56 -20.44
CA GLU B 291 -8.77 10.47 -21.91
C GLU B 291 -7.90 11.60 -22.51
N LYS B 292 -8.08 12.82 -22.01
CA LYS B 292 -7.02 13.84 -22.01
C LYS B 292 -7.14 14.00 -20.56
N PHE B 293 -6.09 14.22 -19.75
CA PHE B 293 -4.91 14.98 -20.10
C PHE B 293 -3.61 14.26 -19.79
N VAL C 17 1.31 -35.19 10.21
CA VAL C 17 1.87 -35.68 11.50
C VAL C 17 1.32 -34.79 12.67
N MET C 18 0.39 -35.27 13.50
CA MET C 18 -0.33 -36.56 13.35
C MET C 18 -1.87 -36.44 13.53
N LYS C 19 -2.42 -35.25 13.80
CA LYS C 19 -3.84 -35.16 14.23
C LYS C 19 -4.69 -33.89 13.93
N GLU C 20 -6.00 -34.10 14.02
CA GLU C 20 -7.02 -33.06 13.89
C GLU C 20 -8.05 -33.18 15.02
N LYS C 21 -9.03 -32.26 15.03
CA LYS C 21 -9.85 -31.94 16.25
C LYS C 21 -10.67 -33.08 16.88
N PRO C 22 -10.47 -33.35 18.19
CA PRO C 22 -10.95 -34.58 18.77
C PRO C 22 -12.22 -34.43 19.60
N LYS C 23 -12.96 -35.52 19.70
CA LYS C 23 -14.10 -35.56 20.56
C LYS C 23 -13.69 -36.10 21.90
N VAL C 24 -13.46 -35.20 22.84
CA VAL C 24 -13.38 -35.55 24.25
C VAL C 24 -13.85 -34.34 25.03
N THR C 25 -14.68 -34.56 26.04
CA THR C 25 -15.16 -33.44 26.84
C THR C 25 -14.56 -33.41 28.23
N LEU C 26 -14.58 -32.22 28.84
CA LEU C 26 -14.11 -32.03 30.21
C LEU C 26 -14.91 -32.90 31.17
N ASN C 27 -16.21 -32.94 30.96
CA ASN C 27 -17.12 -33.60 31.87
C ASN C 27 -16.90 -35.09 31.91
N GLU C 28 -16.28 -35.63 30.88
CA GLU C 28 -15.90 -37.03 30.84
C GLU C 28 -14.61 -37.33 31.64
N ILE C 29 -13.92 -36.30 32.13
CA ILE C 29 -12.67 -36.49 32.86
C ILE C 29 -12.93 -36.51 34.35
N VAL C 30 -12.54 -37.61 34.98
CA VAL C 30 -12.93 -37.89 36.35
C VAL C 30 -12.50 -36.83 37.37
N GLY C 31 -11.20 -36.59 37.53
CA GLY C 31 -10.79 -35.70 38.61
C GLY C 31 -10.54 -34.30 38.09
N LEU C 32 -9.42 -33.74 38.58
CA LEU C 32 -8.70 -32.69 37.88
C LEU C 32 -9.53 -31.42 37.78
N GLU C 33 -10.40 -31.24 38.77
CA GLU C 33 -11.25 -30.07 38.82
C GLU C 33 -10.40 -28.79 38.86
N ASP C 34 -9.31 -28.82 39.60
CA ASP C 34 -8.44 -27.66 39.69
C ASP C 34 -7.53 -27.52 38.49
N VAL C 35 -7.20 -28.63 37.84
CA VAL C 35 -6.40 -28.62 36.59
C VAL C 35 -7.22 -27.97 35.49
N LYS C 36 -8.42 -28.53 35.30
CA LYS C 36 -9.45 -27.96 34.41
C LYS C 36 -9.56 -26.42 34.56
N GLU C 37 -9.65 -25.95 35.79
CA GLU C 37 -9.70 -24.51 36.03
C GLU C 37 -8.41 -23.81 35.60
N ALA C 38 -7.26 -24.40 35.91
CA ALA C 38 -6.01 -23.78 35.49
C ALA C 38 -5.96 -23.69 33.97
N LEU C 39 -6.45 -24.70 33.25
CA LEU C 39 -6.37 -24.65 31.78
C LEU C 39 -7.40 -23.73 31.20
N LYS C 40 -8.59 -23.70 31.80
CA LYS C 40 -9.56 -22.61 31.51
C LYS C 40 -8.90 -21.23 31.61
N GLU C 41 -8.27 -21.01 32.77
CA GLU C 41 -7.66 -19.73 33.08
C GLU C 41 -6.46 -19.42 32.19
N ALA C 42 -5.67 -20.42 31.82
CA ALA C 42 -4.48 -20.18 31.00
C ALA C 42 -4.82 -20.04 29.52
N VAL C 43 -5.88 -20.74 29.10
CA VAL C 43 -6.19 -20.83 27.67
C VAL C 43 -7.59 -20.36 27.26
N VAL C 44 -8.63 -20.82 27.94
CA VAL C 44 -9.97 -20.53 27.47
C VAL C 44 -10.31 -19.06 27.69
N TYR C 45 -10.24 -18.61 28.94
CA TYR C 45 -10.67 -17.24 29.24
C TYR C 45 -9.91 -16.18 28.45
N PRO C 46 -8.59 -16.34 28.25
CA PRO C 46 -7.87 -15.42 27.38
C PRO C 46 -8.34 -15.44 25.93
N SER C 47 -8.60 -16.63 25.41
CA SER C 47 -9.07 -16.80 24.02
C SER C 47 -10.43 -16.16 23.89
N LYS C 48 -11.28 -16.35 24.89
CA LYS C 48 -12.60 -15.81 24.81
C LYS C 48 -12.62 -14.32 25.09
N ARG C 49 -11.74 -13.83 25.94
CA ARG C 49 -11.75 -12.42 26.35
C ARG C 49 -10.35 -11.78 26.50
N PRO C 50 -9.55 -11.77 25.41
CA PRO C 50 -8.20 -11.15 25.41
C PRO C 50 -8.13 -9.77 26.01
N ASP C 51 -9.18 -8.97 25.76
CA ASP C 51 -9.30 -7.63 26.29
C ASP C 51 -9.18 -7.58 27.80
N LEU C 52 -9.54 -8.68 28.48
CA LEU C 52 -9.37 -8.77 29.95
C LEU C 52 -8.00 -9.28 30.41
N PHE C 53 -7.01 -9.32 29.52
CA PHE C 53 -5.69 -9.77 29.90
C PHE C 53 -4.60 -8.81 29.45
N PRO C 54 -4.74 -7.55 29.86
CA PRO C 54 -3.86 -6.46 29.44
C PRO C 54 -2.46 -6.58 29.99
N LEU C 55 -2.21 -7.55 30.86
CA LEU C 55 -0.86 -7.87 31.28
C LEU C 55 -0.34 -9.12 30.61
N GLY C 56 -0.92 -9.51 29.48
CA GLY C 56 -0.40 -10.68 28.75
C GLY C 56 -0.63 -12.01 29.45
N TRP C 57 -0.24 -13.09 28.77
CA TRP C 57 -0.41 -14.46 29.29
C TRP C 57 0.48 -15.46 28.57
N PRO C 58 0.92 -16.51 29.26
CA PRO C 58 1.77 -17.51 28.61
C PRO C 58 1.04 -18.44 27.64
N ARG C 59 1.74 -18.84 26.58
CA ARG C 59 1.19 -19.72 25.57
C ARG C 59 1.77 -21.14 25.59
N GLY C 60 2.71 -21.42 26.47
CA GLY C 60 3.27 -22.75 26.57
C GLY C 60 2.88 -23.22 27.93
N ILE C 61 2.11 -24.30 27.98
CA ILE C 61 1.67 -24.91 29.23
C ILE C 61 2.17 -26.37 29.39
N LEU C 62 2.86 -26.63 30.49
CA LEU C 62 3.42 -27.95 30.78
C LEU C 62 2.49 -28.70 31.65
N LEU C 63 2.08 -29.85 31.16
CA LEU C 63 1.47 -30.85 31.99
C LEU C 63 2.51 -31.90 32.34
N TYR C 64 2.72 -32.15 33.64
CA TYR C 64 3.66 -33.16 34.06
C TYR C 64 3.05 -34.06 35.12
N GLY C 65 3.47 -35.33 35.13
CA GLY C 65 2.97 -36.31 36.10
C GLY C 65 3.21 -37.77 35.66
N PRO C 66 2.63 -38.74 36.39
CA PRO C 66 2.82 -40.12 35.98
C PRO C 66 1.93 -40.43 34.81
N PRO C 67 2.17 -41.57 34.15
CA PRO C 67 1.45 -41.90 32.94
C PRO C 67 0.03 -42.35 33.16
N GLY C 68 -0.79 -42.09 32.16
CA GLY C 68 -2.17 -42.49 32.16
C GLY C 68 -3.01 -41.83 33.23
N CYS C 69 -2.73 -40.57 33.55
CA CYS C 69 -3.55 -39.89 34.54
C CYS C 69 -4.37 -38.75 33.98
N GLY C 70 -4.25 -38.52 32.66
CA GLY C 70 -5.17 -37.58 31.96
C GLY C 70 -4.57 -36.32 31.33
N LYS C 71 -3.25 -36.29 31.19
CA LYS C 71 -2.59 -35.23 30.47
C LYS C 71 -3.11 -35.11 29.05
N THR C 72 -3.17 -36.23 28.31
CA THR C 72 -3.70 -36.20 26.93
C THR C 72 -5.19 -35.79 26.92
N MET C 73 -5.97 -36.42 27.78
CA MET C 73 -7.42 -36.16 27.86
C MET C 73 -7.71 -34.72 28.14
N ILE C 74 -7.09 -34.19 29.18
CA ILE C 74 -7.30 -32.80 29.58
C ILE C 74 -6.94 -31.84 28.45
N ALA C 75 -5.91 -32.15 27.66
CA ALA C 75 -5.53 -31.27 26.57
C ALA C 75 -6.58 -31.28 25.47
N ALA C 76 -7.03 -32.47 25.09
CA ALA C 76 -8.06 -32.60 24.04
C ALA C 76 -9.39 -31.98 24.47
N ALA C 77 -9.71 -32.21 25.73
CA ALA C 77 -10.90 -31.68 26.34
C ALA C 77 -10.97 -30.18 26.24
N VAL C 78 -9.85 -29.49 26.39
CA VAL C 78 -9.85 -28.03 26.25
C VAL C 78 -10.07 -27.66 24.80
N ALA C 79 -9.35 -28.31 23.90
CA ALA C 79 -9.48 -28.03 22.48
C ALA C 79 -10.93 -28.16 22.07
N ASN C 80 -11.56 -29.17 22.62
CA ASN C 80 -13.00 -29.34 22.48
C ASN C 80 -13.82 -28.19 23.13
N GLU C 81 -13.47 -27.79 24.34
CA GLU C 81 -14.14 -26.70 25.02
C GLU C 81 -14.11 -25.44 24.17
N LEU C 82 -12.98 -25.21 23.50
CA LEU C 82 -12.83 -24.07 22.62
C LEU C 82 -13.36 -24.34 21.23
N ASP C 83 -13.62 -25.60 20.91
CA ASP C 83 -13.83 -25.97 19.52
C ASP C 83 -12.68 -25.40 18.68
N SER C 84 -11.47 -25.46 19.25
CA SER C 84 -10.28 -25.03 18.55
C SER C 84 -9.70 -26.22 17.85
N GLU C 85 -8.83 -25.96 16.88
CA GLU C 85 -8.07 -27.02 16.20
C GLU C 85 -7.06 -27.67 17.11
N PHE C 86 -6.95 -28.99 17.02
CA PHE C 86 -6.09 -29.76 17.92
C PHE C 86 -5.06 -30.56 17.14
N ILE C 87 -3.79 -30.38 17.49
CA ILE C 87 -2.68 -30.93 16.74
C ILE C 87 -1.80 -31.78 17.65
N HIS C 88 -1.93 -33.10 17.53
CA HIS C 88 -1.21 -34.01 18.41
C HIS C 88 0.11 -34.42 17.81
N VAL C 89 1.20 -34.12 18.51
CA VAL C 89 2.54 -34.56 18.12
C VAL C 89 3.23 -35.31 19.25
N ASP C 90 3.88 -36.39 18.84
CA ASP C 90 4.74 -37.15 19.73
C ASP C 90 6.15 -36.63 19.52
N ALA C 91 6.72 -36.08 20.58
CA ALA C 91 8.02 -35.46 20.47
C ALA C 91 9.08 -36.42 19.95
N ALA C 92 8.97 -37.70 20.34
CA ALA C 92 9.84 -38.77 19.83
C ALA C 92 9.82 -38.88 18.30
N SER C 93 8.66 -38.64 17.70
CA SER C 93 8.49 -38.72 16.26
C SER C 93 9.10 -37.55 15.50
N ILE C 94 9.26 -36.40 16.14
CA ILE C 94 9.76 -35.21 15.41
C ILE C 94 11.28 -35.22 15.39
N MET C 95 11.87 -35.77 16.44
CA MET C 95 13.31 -35.93 16.50
C MET C 95 13.68 -37.05 15.51
N SER C 96 14.16 -36.62 14.33
CA SER C 96 14.53 -37.53 13.23
C SER C 96 16.04 -37.58 13.02
N LYS C 97 16.49 -38.65 12.38
CA LYS C 97 17.92 -39.00 12.23
C LYS C 97 18.75 -38.05 11.32
N TRP C 98 18.06 -37.29 10.49
CA TRP C 98 18.68 -36.22 9.70
C TRP C 98 18.20 -34.84 10.17
N LEU C 99 19.13 -33.99 10.61
CA LEU C 99 18.82 -32.67 11.20
C LEU C 99 17.72 -31.89 10.46
N GLY C 100 18.03 -31.58 9.20
CA GLY C 100 17.13 -30.79 8.37
C GLY C 100 15.74 -31.40 8.20
N GLU C 101 15.57 -32.65 8.61
CA GLU C 101 14.27 -33.27 8.58
C GLU C 101 13.54 -32.91 9.86
N ALA C 102 14.24 -32.99 10.98
CA ALA C 102 13.68 -32.60 12.25
C ALA C 102 13.32 -31.11 12.23
N GLU C 103 14.25 -30.29 11.74
CA GLU C 103 13.99 -28.86 11.64
C GLU C 103 12.69 -28.62 10.87
N LYS C 104 12.64 -29.24 9.71
CA LYS C 104 11.44 -29.21 8.89
C LYS C 104 10.21 -29.62 9.70
N ASN C 105 10.30 -30.74 10.41
CA ASN C 105 9.20 -31.15 11.28
C ASN C 105 8.79 -30.04 12.21
N VAL C 106 9.72 -29.50 12.99
CA VAL C 106 9.29 -28.49 13.97
C VAL C 106 8.73 -27.26 13.28
N ALA C 107 9.28 -26.88 12.14
CA ALA C 107 8.71 -25.70 11.45
C ALA C 107 7.27 -25.97 10.94
N LYS C 108 7.11 -27.13 10.31
CA LYS C 108 5.82 -27.55 9.78
C LYS C 108 4.69 -27.52 10.84
N ILE C 109 5.02 -27.97 12.03
CA ILE C 109 4.02 -28.07 13.08
C ILE C 109 3.43 -26.70 13.35
N PHE C 110 4.29 -25.80 13.78
CA PHE C 110 3.90 -24.46 14.09
C PHE C 110 3.28 -23.76 12.87
N LYS C 111 3.86 -23.93 11.68
CA LYS C 111 3.22 -23.32 10.50
C LYS C 111 1.77 -23.78 10.35
N THR C 112 1.59 -25.10 10.33
CA THR C 112 0.26 -25.67 10.24
C THR C 112 -0.63 -25.04 11.29
N ALA C 113 -0.16 -25.06 12.54
CA ALA C 113 -0.93 -24.43 13.64
C ALA C 113 -1.39 -23.04 13.24
N ARG C 114 -0.43 -22.17 12.93
CA ARG C 114 -0.72 -20.79 12.58
C ARG C 114 -1.69 -20.64 11.42
N GLU C 115 -1.49 -21.42 10.37
CA GLU C 115 -2.41 -21.40 9.22
C GLU C 115 -3.81 -21.81 9.61
N LEU C 116 -3.92 -22.91 10.34
CA LEU C 116 -5.24 -23.35 10.79
C LEU C 116 -5.89 -22.28 11.65
N SER C 117 -5.11 -21.67 12.54
CA SER C 117 -5.65 -20.63 13.40
C SER C 117 -6.16 -19.47 12.57
N LYS C 118 -5.30 -19.00 11.69
CA LYS C 118 -5.64 -17.87 10.85
C LYS C 118 -6.87 -18.17 9.97
N LYS C 119 -6.93 -19.36 9.37
CA LYS C 119 -8.03 -19.70 8.47
C LYS C 119 -9.38 -19.73 9.18
N GLU C 120 -9.45 -20.40 10.34
CA GLU C 120 -10.72 -20.55 11.07
C GLU C 120 -10.98 -19.42 12.06
N ASN C 121 -10.01 -18.51 12.21
CA ASN C 121 -10.12 -17.46 13.19
C ASN C 121 -10.54 -18.00 14.54
N LYS C 122 -9.73 -18.91 15.04
CA LYS C 122 -9.86 -19.38 16.39
C LYS C 122 -8.53 -20.01 16.81
N PRO C 123 -8.42 -20.42 18.06
CA PRO C 123 -7.12 -20.88 18.45
C PRO C 123 -6.73 -22.21 17.85
N ALA C 124 -5.43 -22.47 17.91
CA ALA C 124 -4.91 -23.77 17.53
C ALA C 124 -4.07 -24.28 18.69
N ILE C 125 -4.28 -25.55 19.04
CA ILE C 125 -3.60 -26.12 20.18
C ILE C 125 -2.68 -27.23 19.72
N ILE C 126 -1.39 -27.07 20.00
CA ILE C 126 -0.44 -28.11 19.71
C ILE C 126 -0.28 -28.87 20.99
N PHE C 127 -0.54 -30.16 20.96
CA PHE C 127 -0.23 -31.00 22.11
C PHE C 127 1.00 -31.79 21.77
N ILE C 128 2.03 -31.66 22.58
CA ILE C 128 3.23 -32.41 22.30
C ILE C 128 3.45 -33.34 23.46
N ASP C 129 3.31 -34.63 23.24
CA ASP C 129 3.59 -35.58 24.33
C ASP C 129 4.99 -36.13 24.21
N GLU C 130 5.44 -36.76 25.29
CA GLU C 130 6.84 -37.19 25.38
C GLU C 130 7.79 -36.02 25.18
N LEU C 131 7.40 -34.82 25.59
CA LEU C 131 8.22 -33.63 25.36
C LEU C 131 9.71 -33.81 25.67
N ASP C 132 9.98 -34.46 26.79
CA ASP C 132 11.36 -34.71 27.21
C ASP C 132 12.20 -35.30 26.10
N ALA C 133 11.59 -36.11 25.25
CA ALA C 133 12.27 -36.71 24.10
C ALA C 133 12.98 -35.69 23.20
N LEU C 134 12.59 -34.42 23.26
CA LEU C 134 13.34 -33.42 22.51
C LEU C 134 14.77 -33.25 22.99
N LEU C 135 15.05 -33.70 24.21
CA LEU C 135 16.36 -33.55 24.79
C LEU C 135 17.15 -34.85 24.71
N ALA C 136 16.82 -35.69 23.73
CA ALA C 136 17.39 -37.02 23.55
C ALA C 136 18.71 -37.02 22.78
N SER C 137 19.42 -38.14 22.91
CA SER C 137 20.84 -38.31 22.53
C SER C 137 21.18 -37.90 21.09
N TYR C 138 20.34 -38.26 20.12
CA TYR C 138 20.57 -37.84 18.71
C TYR C 138 19.36 -38.04 17.83
N GLY C 144 23.08 -30.16 15.42
CA GLY C 144 22.72 -31.33 16.21
C GLY C 144 21.27 -31.23 16.72
N GLU C 145 20.86 -32.21 17.51
CA GLU C 145 19.55 -32.14 18.20
C GLU C 145 19.35 -30.79 18.93
N ALA C 146 20.46 -30.11 19.22
CA ALA C 146 20.47 -28.78 19.83
C ALA C 146 19.87 -27.75 18.88
N ARG C 147 20.36 -27.76 17.63
CA ARG C 147 19.84 -26.84 16.60
C ARG C 147 18.33 -26.96 16.38
N VAL C 148 17.80 -28.18 16.48
CA VAL C 148 16.36 -28.44 16.39
C VAL C 148 15.67 -27.87 17.63
N ARG C 149 16.23 -28.20 18.78
CA ARG C 149 15.70 -27.70 20.03
C ARG C 149 15.54 -26.18 20.00
N ASN C 150 16.63 -25.50 19.67
CA ASN C 150 16.62 -24.05 19.68
C ASN C 150 15.65 -23.49 18.66
N GLN C 151 15.54 -24.17 17.52
CA GLN C 151 14.54 -23.80 16.53
C GLN C 151 13.14 -23.92 17.13
N PHE C 152 12.88 -25.01 17.86
CA PHE C 152 11.60 -25.18 18.53
C PHE C 152 11.35 -24.01 19.50
N LEU C 153 12.33 -23.78 20.37
CA LEU C 153 12.17 -22.73 21.37
C LEU C 153 11.97 -21.34 20.72
N LYS C 154 12.66 -21.07 19.61
CA LYS C 154 12.44 -19.82 18.89
C LYS C 154 10.94 -19.72 18.54
N GLU C 155 10.42 -20.80 17.96
CA GLU C 155 9.01 -20.91 17.62
C GLU C 155 8.15 -20.62 18.85
N MET C 156 8.50 -21.24 19.98
CA MET C 156 7.79 -20.98 21.25
C MET C 156 7.77 -19.49 21.55
N ASP C 157 8.96 -18.89 21.63
CA ASP C 157 9.13 -17.45 21.90
C ASP C 157 8.30 -16.61 20.94
N GLY C 158 8.17 -17.07 19.70
CA GLY C 158 7.29 -16.41 18.74
C GLY C 158 5.77 -16.43 18.96
N LEU C 159 5.27 -17.22 19.91
CA LEU C 159 3.80 -17.42 20.02
C LEU C 159 3.01 -16.20 20.50
N ALA C 160 3.60 -15.43 21.41
CA ALA C 160 2.92 -14.28 22.00
C ALA C 160 3.02 -13.03 21.14
N ASP C 161 3.93 -13.02 20.18
CA ASP C 161 4.17 -11.84 19.35
C ASP C 161 2.88 -11.14 19.00
N LYS C 162 2.87 -9.82 19.24
CA LYS C 162 1.64 -9.02 19.34
C LYS C 162 0.84 -9.00 18.05
N ASN C 163 1.55 -8.85 16.92
CA ASN C 163 0.89 -8.68 15.64
C ASN C 163 0.21 -9.90 15.05
N GLU C 164 0.76 -11.09 15.35
CA GLU C 164 0.34 -12.31 14.68
C GLU C 164 -1.16 -12.52 14.88
N ILE C 165 -1.89 -12.68 13.77
CA ILE C 165 -3.34 -12.87 13.76
C ILE C 165 -3.72 -14.21 14.40
N SER C 166 -2.89 -15.20 14.14
CA SER C 166 -3.11 -16.55 14.62
C SER C 166 -2.86 -16.67 16.12
N LYS C 167 -3.70 -17.45 16.79
CA LYS C 167 -3.59 -17.71 18.22
C LYS C 167 -3.25 -19.17 18.48
N VAL C 168 -1.96 -19.40 18.73
CA VAL C 168 -1.45 -20.76 18.87
C VAL C 168 -0.95 -21.04 20.26
N TYR C 169 -1.40 -22.14 20.84
CA TYR C 169 -0.96 -22.51 22.17
C TYR C 169 -0.20 -23.85 22.11
N VAL C 170 0.86 -23.97 22.88
CA VAL C 170 1.53 -25.24 23.00
C VAL C 170 1.26 -25.82 24.37
N ILE C 171 0.69 -27.00 24.39
CA ILE C 171 0.56 -27.84 25.59
C ILE C 171 1.52 -29.05 25.55
N GLY C 172 2.51 -28.99 26.42
CA GLY C 172 3.57 -29.98 26.40
C GLY C 172 3.30 -30.94 27.50
N ALA C 173 3.62 -32.19 27.27
CA ALA C 173 3.42 -33.21 28.28
C ALA C 173 4.62 -34.14 28.41
N THR C 174 4.86 -34.58 29.64
CA THR C 174 6.01 -35.40 29.92
C THR C 174 5.76 -36.16 31.22
N ASN C 175 6.31 -37.39 31.32
CA ASN C 175 6.28 -38.17 32.57
C ASN C 175 7.61 -38.07 33.28
N LYS C 176 8.52 -37.27 32.72
CA LYS C 176 9.84 -37.08 33.29
C LYS C 176 10.21 -35.59 33.19
N PRO C 177 9.46 -34.74 33.90
CA PRO C 177 9.70 -33.31 33.79
C PRO C 177 11.12 -32.93 34.16
N TRP C 178 11.65 -33.58 35.20
CA TRP C 178 13.07 -33.48 35.54
C TRP C 178 13.75 -33.92 34.25
N ARG C 179 14.90 -33.40 33.92
CA ARG C 179 15.46 -33.74 32.62
C ARG C 179 14.83 -32.97 31.44
N LEU C 180 13.93 -32.04 31.75
CA LEU C 180 13.79 -30.85 30.93
C LEU C 180 14.78 -29.88 31.51
N ASP C 181 15.59 -29.26 30.65
CA ASP C 181 16.56 -28.28 31.08
C ASP C 181 15.95 -26.89 31.20
N GLU C 182 16.74 -25.96 31.71
CA GLU C 182 16.27 -24.61 32.01
C GLU C 182 15.81 -23.82 30.79
N PRO C 183 16.60 -23.85 29.71
CA PRO C 183 16.22 -23.10 28.52
C PRO C 183 14.85 -23.50 28.05
N PHE C 184 14.61 -24.78 28.17
CA PHE C 184 13.41 -25.39 27.71
C PHE C 184 12.26 -25.12 28.68
N LEU C 185 12.52 -25.27 29.97
CA LEU C 185 11.51 -24.89 30.97
C LEU C 185 11.11 -23.46 30.87
N ARG C 186 12.02 -22.59 30.45
CA ARG C 186 11.72 -21.16 30.35
C ARG C 186 10.52 -20.81 29.45
N ARG C 187 10.32 -21.60 28.40
CA ARG C 187 9.22 -21.40 27.47
C ARG C 187 7.88 -21.91 27.97
N PHE C 188 7.90 -22.70 29.03
CA PHE C 188 6.68 -23.19 29.66
C PHE C 188 6.50 -22.56 31.03
N GLN C 189 5.80 -21.43 31.05
CA GLN C 189 5.69 -20.68 32.28
C GLN C 189 4.55 -21.20 33.16
N LYS C 190 3.57 -21.86 32.54
CA LYS C 190 2.45 -22.42 33.26
C LYS C 190 2.71 -23.91 33.36
N ARG C 191 2.63 -24.44 34.56
CA ARG C 191 3.07 -25.82 34.79
C ARG C 191 2.21 -26.50 35.80
N ILE C 192 1.45 -27.46 35.33
CA ILE C 192 0.42 -28.07 36.15
C ILE C 192 0.82 -29.51 36.50
N TYR C 193 0.74 -29.86 37.77
CA TYR C 193 0.97 -31.22 38.21
C TYR C 193 -0.30 -32.05 38.02
N ILE C 194 -0.29 -33.03 37.13
CA ILE C 194 -1.44 -33.94 37.03
C ILE C 194 -1.16 -35.25 37.80
N THR C 195 -1.91 -35.37 38.91
CA THR C 195 -1.67 -36.39 39.96
C THR C 195 -2.37 -37.74 39.76
N LEU C 196 -1.93 -38.75 40.51
CA LEU C 196 -2.66 -40.02 40.58
C LEU C 196 -4.07 -39.73 41.06
N PRO C 197 -5.03 -40.60 40.74
CA PRO C 197 -6.37 -40.39 41.28
C PRO C 197 -6.44 -40.80 42.76
N ASP C 198 -7.01 -39.93 43.60
CA ASP C 198 -7.12 -40.17 45.05
C ASP C 198 -8.24 -41.17 45.35
N LYS C 199 -8.39 -41.53 46.63
CA LYS C 199 -9.28 -42.63 47.01
C LYS C 199 -10.68 -42.36 46.49
N ALA C 200 -11.15 -41.12 46.67
CA ALA C 200 -12.48 -40.74 46.18
C ALA C 200 -12.60 -40.81 44.67
N HIS C 201 -11.52 -40.50 43.96
CA HIS C 201 -11.59 -40.39 42.52
C HIS C 201 -11.45 -41.72 41.83
N ARG C 202 -10.51 -42.53 42.29
CA ARG C 202 -10.53 -43.96 41.97
C ARG C 202 -11.92 -44.61 42.11
N LEU C 203 -12.67 -44.27 43.16
CA LEU C 203 -14.01 -44.76 43.22
C LEU C 203 -14.79 -44.32 41.97
N GLU C 204 -14.76 -43.04 41.65
CA GLU C 204 -15.56 -42.57 40.49
C GLU C 204 -15.11 -43.32 39.25
N LEU C 205 -13.80 -43.46 39.10
CA LEU C 205 -13.22 -44.19 37.99
C LEU C 205 -13.80 -45.59 37.88
N LEU C 206 -13.81 -46.29 39.02
CA LEU C 206 -14.32 -47.66 39.08
C LEU C 206 -15.79 -47.71 38.76
N LYS C 207 -16.54 -46.81 39.34
CA LYS C 207 -17.95 -46.72 38.99
C LYS C 207 -18.09 -46.54 37.49
N HIS C 208 -17.29 -45.64 36.92
CA HIS C 208 -17.37 -45.31 35.49
C HIS C 208 -17.03 -46.49 34.58
N TYR C 209 -15.85 -47.07 34.76
CA TYR C 209 -15.47 -48.21 33.92
C TYR C 209 -16.36 -49.41 34.17
N SER C 210 -16.55 -49.73 35.45
CA SER C 210 -17.35 -50.87 35.80
C SER C 210 -18.75 -50.74 35.24
N SER C 211 -19.29 -49.52 35.24
CA SER C 211 -20.69 -49.30 34.82
C SER C 211 -21.19 -50.06 33.59
N LYS C 212 -20.35 -50.33 32.60
CA LYS C 212 -20.80 -51.02 31.36
C LYS C 212 -20.70 -52.55 31.40
N VAL C 213 -20.44 -53.11 32.58
CA VAL C 213 -20.41 -54.56 32.70
C VAL C 213 -21.10 -55.07 33.96
N LYS C 214 -21.42 -56.36 33.95
CA LYS C 214 -22.27 -56.90 34.98
C LYS C 214 -21.50 -57.31 36.23
N LEU C 215 -21.80 -56.62 37.35
CA LEU C 215 -21.20 -56.88 38.65
C LEU C 215 -22.08 -57.71 39.56
N ASP C 216 -21.47 -58.62 40.29
CA ASP C 216 -22.13 -59.33 41.38
C ASP C 216 -22.48 -58.30 42.45
N PRO C 217 -23.56 -58.53 43.23
CA PRO C 217 -23.90 -57.62 44.34
C PRO C 217 -22.83 -57.53 45.42
N ASN C 218 -22.08 -58.60 45.60
CA ASN C 218 -21.04 -58.67 46.63
C ASN C 218 -19.85 -57.72 46.36
N VAL C 219 -19.83 -57.12 45.16
CA VAL C 219 -18.77 -56.18 44.78
C VAL C 219 -18.93 -54.85 45.50
N ASN C 220 -17.86 -54.43 46.16
CA ASN C 220 -17.84 -53.26 47.03
C ASN C 220 -16.86 -52.27 46.46
N LEU C 221 -17.36 -51.30 45.70
CA LEU C 221 -16.46 -50.39 44.98
C LEU C 221 -15.59 -49.50 45.91
N GLU C 222 -16.16 -49.15 47.06
CA GLU C 222 -15.43 -48.42 48.09
C GLU C 222 -14.18 -49.15 48.50
N GLU C 223 -14.29 -50.45 48.70
CA GLU C 223 -13.18 -51.28 49.16
C GLU C 223 -12.11 -51.30 48.07
N LEU C 224 -12.55 -51.59 46.86
CA LEU C 224 -11.66 -51.60 45.69
C LEU C 224 -10.95 -50.25 45.47
N ALA C 225 -11.67 -49.15 45.68
CA ALA C 225 -11.01 -47.83 45.67
C ALA C 225 -9.87 -47.80 46.68
N GLU C 226 -10.08 -48.37 47.87
CA GLU C 226 -9.05 -48.40 48.91
C GLU C 226 -7.87 -49.25 48.49
N LEU C 227 -8.21 -50.40 47.96
CA LEU C 227 -7.22 -51.35 47.49
C LEU C 227 -6.44 -50.80 46.32
N THR C 228 -7.02 -49.89 45.56
CA THR C 228 -6.33 -49.35 44.39
C THR C 228 -5.49 -48.07 44.68
N ASP C 229 -5.05 -47.89 45.92
CA ASP C 229 -4.18 -46.79 46.25
C ASP C 229 -2.87 -46.93 45.46
N GLY C 230 -2.52 -45.89 44.71
CA GLY C 230 -1.30 -45.88 43.93
C GLY C 230 -1.51 -46.24 42.47
N TYR C 231 -2.72 -46.70 42.11
CA TYR C 231 -2.98 -47.11 40.72
C TYR C 231 -3.45 -45.87 39.94
N THR C 232 -3.00 -45.80 38.67
CA THR C 232 -3.37 -44.74 37.74
C THR C 232 -4.69 -45.04 37.09
N ALA C 233 -5.32 -43.99 36.61
CA ALA C 233 -6.62 -44.12 36.02
C ALA C 233 -6.63 -45.18 34.91
N SER C 234 -5.58 -45.24 34.10
CA SER C 234 -5.54 -46.26 33.05
C SER C 234 -5.41 -47.65 33.66
N ASP C 235 -4.58 -47.72 34.70
CA ASP C 235 -4.47 -48.91 35.53
C ASP C 235 -5.85 -49.41 35.92
N ILE C 236 -6.64 -48.55 36.56
CA ILE C 236 -8.00 -48.91 36.98
C ILE C 236 -8.84 -49.50 35.83
N ARG C 237 -8.87 -48.79 34.70
CA ARG C 237 -9.54 -49.28 33.48
CA ARG C 237 -9.55 -49.28 33.49
C ARG C 237 -9.06 -50.70 33.15
N ASP C 238 -7.73 -50.88 33.17
CA ASP C 238 -7.15 -52.18 32.84
C ASP C 238 -7.51 -53.27 33.83
N ILE C 239 -7.61 -52.91 35.10
CA ILE C 239 -8.14 -53.81 36.12
C ILE C 239 -9.53 -54.21 35.71
N VAL C 240 -10.44 -53.25 35.61
CA VAL C 240 -11.79 -53.63 35.21
C VAL C 240 -11.78 -54.54 33.97
N GLN C 241 -11.13 -54.11 32.89
CA GLN C 241 -11.07 -55.00 31.70
C GLN C 241 -10.65 -56.41 32.09
N SER C 242 -9.56 -56.48 32.86
CA SER C 242 -8.97 -57.78 33.19
C SER C 242 -9.90 -58.62 34.00
N ALA C 243 -10.57 -58.01 34.98
CA ALA C 243 -11.56 -58.73 35.78
C ALA C 243 -12.71 -59.18 34.90
N HIS C 244 -13.15 -58.33 33.96
CA HIS C 244 -14.20 -58.72 32.99
C HIS C 244 -13.71 -59.89 32.15
N MET C 245 -12.42 -59.93 31.89
CA MET C 245 -11.87 -60.98 31.07
C MET C 245 -12.08 -62.39 31.67
N ARG C 246 -12.03 -62.50 33.00
CA ARG C 246 -12.09 -63.81 33.68
C ARG C 246 -13.38 -64.50 33.39
N VAL C 247 -14.48 -63.75 33.44
CA VAL C 247 -15.82 -64.31 33.24
C VAL C 247 -16.11 -64.57 31.76
N VAL C 248 -15.60 -63.71 30.90
CA VAL C 248 -15.74 -63.88 29.46
C VAL C 248 -15.00 -65.16 29.02
N LYS C 249 -13.77 -65.30 29.52
CA LYS C 249 -12.95 -66.49 29.31
C LYS C 249 -13.70 -67.75 29.74
N GLU C 250 -14.25 -67.69 30.94
CA GLU C 250 -15.04 -68.77 31.49
C GLU C 250 -16.16 -69.08 30.51
N MET C 251 -16.96 -68.06 30.17
CA MET C 251 -18.12 -68.26 29.29
C MET C 251 -17.81 -69.12 28.07
N PHE C 252 -16.81 -68.67 27.31
CA PHE C 252 -16.37 -69.33 26.09
C PHE C 252 -15.89 -70.74 26.38
N GLU C 253 -15.02 -70.89 27.39
CA GLU C 253 -14.52 -72.21 27.80
C GLU C 253 -15.67 -73.17 28.11
N LYS C 254 -16.71 -72.66 28.76
CA LYS C 254 -17.86 -73.46 29.13
C LYS C 254 -19.05 -73.37 28.16
N ASN C 255 -18.83 -72.80 26.97
CA ASN C 255 -19.91 -72.62 25.97
C ASN C 255 -21.20 -72.03 26.54
N LEU C 256 -21.10 -70.90 27.23
CA LEU C 256 -22.30 -70.21 27.70
C LEU C 256 -22.64 -69.06 26.77
N GLN C 257 -23.86 -68.54 26.94
CA GLN C 257 -24.38 -67.48 26.06
C GLN C 257 -23.98 -66.08 26.55
N GLU C 258 -24.13 -65.85 27.85
CA GLU C 258 -23.65 -64.63 28.52
C GLU C 258 -22.64 -65.01 29.57
N PRO C 259 -21.88 -64.01 30.06
CA PRO C 259 -20.91 -64.33 31.10
C PRO C 259 -21.51 -64.24 32.50
N ARG C 260 -20.93 -65.01 33.41
CA ARG C 260 -21.11 -64.83 34.84
C ARG C 260 -20.88 -63.36 35.22
N ALA C 261 -21.49 -62.91 36.31
CA ALA C 261 -21.19 -61.57 36.80
C ALA C 261 -19.79 -61.49 37.38
N ILE C 262 -19.26 -60.28 37.45
CA ILE C 262 -17.93 -60.08 37.98
C ILE C 262 -18.05 -59.92 39.48
N ASN C 263 -17.43 -60.81 40.24
CA ASN C 263 -17.50 -60.70 41.70
C ASN C 263 -16.22 -60.18 42.36
N MET C 264 -16.34 -59.83 43.63
CA MET C 264 -15.24 -59.26 44.41
C MET C 264 -13.95 -60.07 44.37
N ASP C 265 -14.07 -61.39 44.33
CA ASP C 265 -12.91 -62.26 44.21
C ASP C 265 -12.24 -61.97 42.92
N ASP C 266 -13.03 -61.95 41.84
CA ASP C 266 -12.49 -61.71 40.52
C ASP C 266 -11.44 -60.58 40.55
N PHE C 267 -11.80 -59.46 41.17
CA PHE C 267 -10.88 -58.34 41.34
C PHE C 267 -9.64 -58.72 42.16
N ARG C 268 -9.86 -59.29 43.34
CA ARG C 268 -8.76 -59.68 44.20
C ARG C 268 -7.75 -60.52 43.43
N GLU C 269 -8.25 -61.44 42.62
CA GLU C 269 -7.39 -62.29 41.82
C GLU C 269 -6.49 -61.47 40.89
N VAL C 270 -7.06 -60.43 40.29
CA VAL C 270 -6.34 -59.69 39.28
C VAL C 270 -5.38 -58.70 39.92
N LEU C 271 -5.79 -58.20 41.06
CA LEU C 271 -4.93 -57.36 41.88
C LEU C 271 -3.73 -58.15 42.42
N LYS C 272 -3.97 -59.39 42.87
CA LYS C 272 -2.86 -60.27 43.28
C LYS C 272 -1.66 -60.22 42.31
N VAL C 273 -1.94 -60.11 41.00
CA VAL C 273 -0.89 -60.10 39.97
C VAL C 273 -0.59 -58.73 39.36
N ARG C 274 -1.55 -57.79 39.37
CA ARG C 274 -1.29 -56.43 38.81
C ARG C 274 -0.78 -55.42 39.83
N LYS C 275 0.45 -54.90 39.68
CA LYS C 275 0.95 -53.85 40.60
C LYS C 275 0.61 -52.42 40.11
N PRO C 276 0.81 -51.39 40.96
CA PRO C 276 0.72 -50.02 40.43
C PRO C 276 1.68 -49.82 39.26
N SER C 277 1.27 -49.08 38.24
CA SER C 277 2.20 -48.63 37.17
C SER C 277 3.31 -47.70 37.66
N VAL C 278 3.23 -47.24 38.92
CA VAL C 278 4.06 -46.15 39.39
C VAL C 278 4.58 -46.44 40.78
N ASN C 279 5.92 -46.42 40.88
CA ASN C 279 6.66 -46.75 42.11
C ASN C 279 6.87 -45.58 43.07
N GLN C 280 7.05 -45.96 44.32
CA GLN C 280 7.10 -45.04 45.45
C GLN C 280 8.15 -43.97 45.28
N ASP C 281 9.26 -44.33 44.62
CA ASP C 281 10.30 -43.35 44.29
C ASP C 281 9.78 -42.30 43.30
N MET C 282 9.14 -42.77 42.23
CA MET C 282 8.66 -41.87 41.17
C MET C 282 7.83 -40.77 41.79
N LEU C 283 6.94 -41.15 42.70
CA LEU C 283 6.01 -40.22 43.33
C LEU C 283 6.73 -39.09 44.06
N LYS C 284 7.90 -39.43 44.59
CA LYS C 284 8.75 -38.47 45.27
C LYS C 284 9.49 -37.66 44.23
N ALA C 285 9.95 -38.30 43.16
CA ALA C 285 10.60 -37.56 42.07
C ALA C 285 9.68 -36.45 41.60
N TYR C 286 8.44 -36.82 41.38
CA TYR C 286 7.42 -35.89 40.94
C TYR C 286 7.21 -34.78 41.97
N ALA C 287 6.98 -35.12 43.24
CA ALA C 287 6.64 -34.08 44.24
C ALA C 287 7.84 -33.17 44.61
N ALA C 288 9.03 -33.75 44.56
CA ALA C 288 10.29 -33.03 44.59
C ALA C 288 10.36 -32.06 43.42
N TRP C 289 10.30 -32.57 42.19
CA TRP C 289 10.30 -31.68 41.01
C TRP C 289 9.27 -30.57 41.16
N HIS C 290 8.07 -30.95 41.62
CA HIS C 290 6.96 -30.02 41.83
C HIS C 290 7.33 -28.96 42.84
N GLU C 291 8.01 -29.40 43.90
CA GLU C 291 8.43 -28.53 45.00
C GLU C 291 9.33 -27.42 44.47
N LYS C 292 10.21 -27.77 43.55
CA LYS C 292 11.15 -26.82 43.01
C LYS C 292 10.58 -25.89 41.93
N PHE C 293 9.65 -26.38 41.09
CA PHE C 293 9.27 -25.62 39.85
C PHE C 293 7.80 -25.22 39.72
PB ADP D . 5.95 24.83 -27.26
O1B ADP D . 5.81 26.27 -26.79
O2B ADP D . 5.58 24.62 -28.72
O3B ADP D . 5.38 23.83 -26.24
PA ADP D . 8.57 24.48 -26.01
O1A ADP D . 7.79 24.62 -24.72
O2A ADP D . 9.71 25.40 -26.35
O3A ADP D . 7.54 24.47 -27.28
O5' ADP D . 9.25 23.03 -25.98
C5' ADP D . 8.94 22.03 -25.01
C4' ADP D . 10.15 21.13 -24.83
O4' ADP D . 10.29 20.32 -25.99
C3' ADP D . 11.45 21.93 -24.66
O3' ADP D . 11.76 22.09 -23.29
C2' ADP D . 12.45 21.10 -25.41
O2' ADP D . 13.03 20.09 -24.57
C1' ADP D . 11.65 20.38 -26.47
N9 ADP D . 11.77 20.99 -27.83
C8 ADP D . 10.74 21.41 -28.58
N7 ADP D . 11.15 21.88 -29.79
C5 ADP D . 12.47 21.75 -29.83
C6 ADP D . 13.51 22.06 -30.83
N6 ADP D . 13.17 22.61 -32.03
N1 ADP D . 14.80 21.79 -30.48
C2 ADP D . 15.11 21.25 -29.28
N3 ADP D . 14.20 20.94 -28.34
C4 ADP D . 12.88 21.16 -28.54
PB ADP E . -7.86 8.16 -1.18
O1B ADP E . -6.65 9.04 -1.00
O2B ADP E . -8.99 8.51 -0.23
O3B ADP E . -8.28 7.85 -2.60
PA ADP E . -6.84 6.43 0.90
O1A ADP E . -7.18 7.65 1.76
O2A ADP E . -5.45 5.84 0.91
O3A ADP E . -7.26 6.74 -0.65
O5' ADP E . -7.88 5.26 1.33
C5' ADP E . -8.62 5.28 2.56
C4' ADP E . -8.69 3.91 3.23
O4' ADP E . -9.19 2.95 2.31
C3' ADP E . -7.33 3.39 3.72
O3' ADP E . -7.04 3.67 5.10
C2' ADP E . -7.40 1.90 3.50
O2' ADP E . -7.87 1.26 4.69
C1' ADP E . -8.41 1.73 2.38
N9 ADP E . -7.75 1.40 1.08
C8 ADP E . -7.96 2.07 -0.06
N7 ADP E . -7.27 1.55 -1.10
C5 ADP E . -6.58 0.51 -0.63
C6 ADP E . -5.64 -0.46 -1.22
N6 ADP E . -5.30 -0.40 -2.54
N1 ADP E . -5.13 -1.40 -0.39
C2 ADP E . -5.47 -1.46 0.93
N3 ADP E . -6.33 -0.59 1.52
C4 ADP E . -6.91 0.41 0.80
PB ADP F . -1.48 -39.51 30.16
O1B ADP F . -0.99 -39.37 31.58
O2B ADP F . -1.33 -38.28 29.31
O3B ADP F . -1.04 -40.76 29.43
PA ADP F . -4.02 -40.03 29.08
O1A ADP F . -4.82 -38.77 28.91
O2A ADP F . -3.20 -40.67 27.98
O3A ADP F . -3.07 -39.76 30.36
O5' ADP F . -5.10 -41.15 29.44
C5' ADP F . -4.73 -42.53 29.48
C4' ADP F . -5.97 -43.38 29.54
O4' ADP F . -6.48 -43.35 30.87
C3' ADP F . -7.09 -42.91 28.60
O3' ADP F . -7.47 -44.02 27.79
C2' ADP F . -8.23 -42.47 29.49
O2' ADP F . -9.43 -43.18 29.15
C1' ADP F . -7.83 -42.87 30.88
N9 ADP F . -7.94 -41.77 31.88
C8 ADP F . -6.93 -41.24 32.58
N7 ADP F . -7.36 -40.30 33.45
C5 ADP F . -8.69 -40.24 33.31
C6 ADP F . -9.75 -39.43 33.94
N6 ADP F . -9.44 -38.51 34.90
N1 ADP F . -11.02 -39.65 33.52
C2 ADP F . -11.32 -40.58 32.56
N3 ADP F . -10.40 -41.36 31.94
C4 ADP F . -9.08 -41.22 32.28
#